data_4PYS
#
_entry.id   4PYS
#
_cell.length_a   96.820
_cell.length_b   96.820
_cell.length_c   315.967
_cell.angle_alpha   90.00
_cell.angle_beta   90.00
_cell.angle_gamma   90.00
#
_symmetry.space_group_name_H-M   'P 41 21 2'
#
loop_
_entity.id
_entity.type
_entity.pdbx_description
1 polymer beta-N-acetylhexosaminidase
2 non-polymer 'ZINC ION'
3 non-polymer GLYCEROL
4 non-polymer 'FORMIC ACID'
5 water water
#
_entity_poly.entity_id   1
_entity_poly.type   'polypeptide(L)'
_entity_poly.pdbx_seq_one_letter_code
;SNAIDLSGQII(MSE)PTPGKIERADGRLRLQGKIR(MSE)YAEESPGSFIRLFYEKLVPESAVEWCKEEVNSHISWKKD
VTLPTEGYRIRVTPERIIVEAADDAGFIYAIQSLRQWNTGEERGLIFPCVEITDFPRVKWRSF(MSE)LDSGRQYQKVST
IKKYID(MSE)AS(MSE)LK(MSE)NYFHWHLTEGLGWRIEIKRYPFLTRIGAFVGQGPEQQGFYSQEEVKEIIGYAADR
GITVVPEID(MSE)PGHAEAALNAYPRLGCFNVAVKVPQSGFTQNIFCAGKDSTLIFLKNVLDEVCR(MSE)FPSAYIHL
GGDEAPKGNWDKCPDCRSRIEKEKLKDSHDLQLWFSAR(MSE)ADYLKQKGRKAIFWGDVIYKDGYSLPDNVVIQWWNWR
GHRDLALKNAVRHNYPVICGTNYYTYLNFPLTPWKGYTQARTFDLEDVYLRNPSYRPREENPLILG(MSE)SSALWTDDG
VTES(MSE)IDRRVFPRILALAEQ(MSE)WHSGNPENFDEFYGKVLSKQLWFEQQGYSFGPALKEDAGTNYKWD
;
_entity_poly.pdbx_strand_id   A,B
#
# COMPACT_ATOMS: atom_id res chain seq x y z
N GLY A 8 39.22 12.75 -29.69
CA GLY A 8 39.43 12.54 -31.11
C GLY A 8 39.04 13.77 -31.89
N GLN A 9 37.83 13.74 -32.42
CA GLN A 9 37.27 14.92 -33.07
C GLN A 9 36.48 15.76 -32.05
N ILE A 10 35.25 15.36 -31.75
CA ILE A 10 34.36 16.19 -30.96
C ILE A 10 33.55 15.42 -29.94
N ILE A 11 33.09 16.14 -28.93
CA ILE A 11 32.24 15.57 -27.90
C ILE A 11 30.90 16.32 -27.90
N PRO A 13 27.12 16.58 -25.73
CA PRO A 13 27.06 18.03 -25.92
C PRO A 13 28.44 18.68 -25.71
N THR A 14 28.60 19.87 -26.25
CA THR A 14 29.90 20.55 -26.30
C THR A 14 30.42 20.85 -24.91
N PRO A 15 31.66 20.42 -24.60
CA PRO A 15 32.22 20.75 -23.28
C PRO A 15 32.50 22.24 -23.16
N GLY A 16 32.50 22.72 -21.92
CA GLY A 16 32.71 24.13 -21.66
C GLY A 16 34.09 24.60 -22.10
N LYS A 17 35.11 23.78 -21.87
CA LYS A 17 36.45 24.15 -22.31
C LYS A 17 37.24 22.94 -22.76
N ILE A 18 37.82 23.02 -23.97
CA ILE A 18 38.67 21.96 -24.49
C ILE A 18 39.96 22.58 -24.98
N GLU A 19 41.08 22.12 -24.44
CA GLU A 19 42.39 22.63 -24.86
C GLU A 19 43.26 21.49 -25.36
N ARG A 20 43.42 21.40 -26.68
CA ARG A 20 44.22 20.35 -27.29
C ARG A 20 45.69 20.51 -26.96
N ALA A 21 46.39 19.39 -26.81
CA ALA A 21 47.85 19.42 -26.68
C ALA A 21 48.47 18.44 -27.68
N ASP A 22 49.77 18.55 -27.89
CA ASP A 22 50.44 17.66 -28.84
C ASP A 22 50.43 16.21 -28.36
N GLY A 23 50.29 15.29 -29.30
CA GLY A 23 50.46 13.88 -29.01
C GLY A 23 49.17 13.13 -28.76
N ARG A 24 49.31 11.86 -28.41
CA ARG A 24 48.16 11.03 -28.09
C ARG A 24 48.59 9.93 -27.14
N LEU A 25 47.63 9.41 -26.39
CA LEU A 25 47.89 8.31 -25.48
C LEU A 25 47.17 7.07 -25.98
N ARG A 26 47.94 6.00 -26.24
CA ARG A 26 47.34 4.75 -26.66
C ARG A 26 47.28 3.79 -25.48
N LEU A 27 46.09 3.27 -25.21
CA LEU A 27 45.90 2.28 -24.16
C LEU A 27 45.42 0.97 -24.77
N GLN A 28 46.33 0.00 -24.83
CA GLN A 28 46.01 -1.34 -25.29
C GLN A 28 46.60 -2.35 -24.32
N GLY A 29 45.86 -3.41 -24.06
CA GLY A 29 46.32 -4.42 -23.12
C GLY A 29 45.76 -4.22 -21.73
N LYS A 30 46.49 -4.67 -20.72
CA LYS A 30 46.08 -4.50 -19.34
C LYS A 30 46.25 -3.04 -18.92
N ILE A 31 45.18 -2.43 -18.44
CA ILE A 31 45.20 -1.04 -18.08
C ILE A 31 45.20 -0.85 -16.57
N ARG A 32 46.26 -0.25 -16.06
CA ARG A 32 46.39 -0.02 -14.64
C ARG A 32 45.65 1.24 -14.23
N TYR A 34 43.96 3.74 -10.83
CA TYR A 34 43.99 4.12 -9.43
C TYR A 34 42.76 4.96 -9.13
N ALA A 35 42.12 4.70 -7.99
CA ALA A 35 41.00 5.56 -7.57
C ALA A 35 41.23 6.02 -6.13
N GLU A 36 40.99 7.32 -5.90
CA GLU A 36 41.20 7.92 -4.59
C GLU A 36 40.18 7.38 -3.59
N GLU A 37 38.94 7.32 -4.03
CA GLU A 37 37.85 6.75 -3.25
C GLU A 37 37.30 5.53 -4.00
N SER A 38 36.48 4.73 -3.30
CA SER A 38 35.79 3.61 -3.93
C SER A 38 35.10 4.02 -5.23
N PRO A 39 35.46 3.36 -6.33
CA PRO A 39 34.95 3.68 -7.67
C PRO A 39 33.64 2.95 -7.97
N GLY A 40 33.09 2.28 -6.97
CA GLY A 40 31.92 1.44 -7.15
C GLY A 40 30.72 2.03 -7.88
N SER A 41 30.52 3.33 -7.74
CA SER A 41 29.30 3.95 -8.28
C SER A 41 29.37 4.25 -9.78
N PHE A 42 30.56 4.51 -10.30
CA PHE A 42 30.70 4.87 -11.71
C PHE A 42 31.38 3.78 -12.53
N ILE A 43 31.98 2.82 -11.85
CA ILE A 43 32.88 1.89 -12.53
C ILE A 43 32.18 0.87 -13.45
N ARG A 44 30.93 0.52 -13.15
CA ARG A 44 30.21 -0.40 -14.01
C ARG A 44 30.01 0.20 -15.41
N LEU A 45 29.81 1.51 -15.47
CA LEU A 45 29.67 2.19 -16.76
C LEU A 45 30.98 2.18 -17.54
N PHE A 46 32.08 2.40 -16.82
CA PHE A 46 33.39 2.34 -17.45
C PHE A 46 33.67 0.97 -18.04
N TYR A 47 33.37 -0.08 -17.27
CA TYR A 47 33.61 -1.45 -17.75
C TYR A 47 32.75 -1.77 -18.97
N GLU A 48 31.55 -1.21 -19.00
CA GLU A 48 30.62 -1.47 -20.09
C GLU A 48 30.98 -0.72 -21.37
N LYS A 49 31.50 0.50 -21.24
CA LYS A 49 31.62 1.39 -22.40
C LYS A 49 33.05 1.57 -22.90
N LEU A 50 34.03 1.34 -22.03
CA LEU A 50 35.42 1.67 -22.36
C LEU A 50 36.38 0.48 -22.28
N VAL A 51 36.58 -0.05 -21.07
CA VAL A 51 37.53 -1.15 -20.85
C VAL A 51 36.89 -2.19 -19.95
N PRO A 52 36.80 -3.45 -20.44
CA PRO A 52 36.23 -4.53 -19.64
C PRO A 52 37.01 -4.74 -18.35
N GLU A 53 36.33 -5.08 -17.26
CA GLU A 53 37.00 -5.33 -15.99
C GLU A 53 38.16 -6.34 -16.10
N SER A 54 38.05 -7.28 -17.04
CA SER A 54 39.09 -8.30 -17.21
C SER A 54 40.42 -7.68 -17.65
N ALA A 55 40.37 -6.49 -18.23
CA ALA A 55 41.57 -5.82 -18.73
C ALA A 55 42.09 -4.75 -17.76
N VAL A 56 41.39 -4.57 -16.65
CA VAL A 56 41.75 -3.56 -15.65
C VAL A 56 42.54 -4.14 -14.47
N GLU A 57 43.65 -3.49 -14.12
CA GLU A 57 44.42 -3.83 -12.92
C GLU A 57 44.35 -2.65 -11.95
N TRP A 58 43.79 -2.86 -10.77
CA TRP A 58 43.72 -1.77 -9.79
C TRP A 58 45.02 -1.62 -9.02
N CYS A 59 45.60 -0.43 -9.08
CA CYS A 59 46.90 -0.15 -8.48
C CYS A 59 46.76 0.54 -7.14
N LYS A 60 47.69 0.24 -6.24
CA LYS A 60 47.73 0.94 -4.95
C LYS A 60 48.45 2.28 -5.10
N GLU A 61 49.45 2.31 -5.96
CA GLU A 61 50.23 3.53 -6.19
C GLU A 61 49.80 4.25 -7.46
N GLU A 62 49.33 5.49 -7.31
CA GLU A 62 48.81 6.23 -8.45
C GLU A 62 49.85 6.41 -9.57
N VAL A 63 51.11 6.58 -9.18
CA VAL A 63 52.17 6.89 -10.14
C VAL A 63 52.30 5.78 -11.20
N ASN A 64 51.97 4.55 -10.82
CA ASN A 64 52.06 3.42 -11.73
C ASN A 64 50.82 3.19 -12.58
N SER A 65 49.80 3.99 -12.37
CA SER A 65 48.54 3.83 -13.11
C SER A 65 48.55 4.58 -14.45
N HIS A 66 47.74 4.09 -15.39
CA HIS A 66 47.52 4.74 -16.68
C HIS A 66 46.36 5.73 -16.56
N ILE A 67 45.41 5.41 -15.69
CA ILE A 67 44.25 6.27 -15.47
C ILE A 67 44.01 6.40 -13.99
N SER A 68 43.89 7.64 -13.50
CA SER A 68 43.51 7.83 -12.11
C SER A 68 42.22 8.63 -11.99
N TRP A 69 41.47 8.30 -10.94
CA TRP A 69 40.16 8.89 -10.71
C TRP A 69 40.24 9.62 -9.39
N LYS A 70 40.25 10.96 -9.45
CA LYS A 70 40.56 11.75 -8.25
C LYS A 70 39.43 12.72 -7.94
N LYS A 71 39.27 13.04 -6.66
CA LYS A 71 38.28 14.01 -6.28
C LYS A 71 38.88 15.43 -6.33
N ASP A 72 38.14 16.37 -6.90
CA ASP A 72 38.51 17.77 -6.81
C ASP A 72 37.30 18.52 -6.25
N VAL A 73 37.37 18.87 -4.96
CA VAL A 73 36.27 19.54 -4.28
C VAL A 73 36.00 20.94 -4.79
N THR A 74 36.90 21.49 -5.62
CA THR A 74 36.72 22.86 -6.12
C THR A 74 35.88 22.90 -7.40
N LEU A 75 35.56 21.73 -7.96
CA LEU A 75 34.72 21.67 -9.16
C LEU A 75 33.26 21.86 -8.75
N PRO A 76 32.44 22.38 -9.68
CA PRO A 76 31.00 22.51 -9.41
C PRO A 76 30.37 21.13 -9.38
N THR A 77 29.16 21.06 -8.83
CA THR A 77 28.37 19.84 -8.87
C THR A 77 28.25 19.35 -10.30
N GLU A 78 28.40 18.04 -10.46
CA GLU A 78 28.36 17.36 -11.75
C GLU A 78 29.50 17.72 -12.71
N GLY A 79 30.47 18.50 -12.23
CA GLY A 79 31.57 18.91 -13.11
C GLY A 79 32.72 17.93 -13.11
N TYR A 80 33.55 17.99 -14.14
CA TYR A 80 34.73 17.12 -14.17
C TYR A 80 35.86 17.80 -14.91
N ARG A 81 37.06 17.25 -14.76
CA ARG A 81 38.19 17.67 -15.56
C ARG A 81 38.88 16.41 -16.04
N ILE A 82 39.27 16.40 -17.31
CA ILE A 82 40.04 15.29 -17.87
C ILE A 82 41.36 15.86 -18.38
N ARG A 83 42.47 15.28 -17.96
CA ARG A 83 43.76 15.61 -18.57
C ARG A 83 44.34 14.35 -19.17
N VAL A 84 44.52 14.35 -20.50
CA VAL A 84 45.21 13.26 -21.17
C VAL A 84 46.60 13.76 -21.53
N THR A 85 47.63 13.09 -21.01
CA THR A 85 49.01 13.40 -21.34
C THR A 85 49.57 12.19 -22.08
N PRO A 86 50.80 12.31 -22.65
CA PRO A 86 51.38 11.12 -23.29
C PRO A 86 51.66 9.97 -22.33
N GLU A 87 51.57 10.21 -21.02
CA GLU A 87 51.86 9.16 -20.03
C GLU A 87 50.62 8.60 -19.32
N ARG A 88 49.59 9.42 -19.13
CA ARG A 88 48.46 8.99 -18.32
C ARG A 88 47.22 9.84 -18.55
N ILE A 89 46.10 9.39 -17.99
CA ILE A 89 44.89 10.18 -17.91
C ILE A 89 44.61 10.45 -16.45
N ILE A 90 44.33 11.71 -16.14
CA ILE A 90 43.84 12.06 -14.81
C ILE A 90 42.44 12.57 -14.94
N VAL A 91 41.50 11.89 -14.29
CA VAL A 91 40.11 12.31 -14.31
C VAL A 91 39.77 12.83 -12.93
N GLU A 92 39.25 14.05 -12.86
CA GLU A 92 38.84 14.62 -11.59
C GLU A 92 37.37 14.97 -11.61
N ALA A 93 36.70 14.82 -10.47
CA ALA A 93 35.29 15.19 -10.35
C ALA A 93 34.98 15.58 -8.92
N ALA A 94 33.92 16.37 -8.71
CA ALA A 94 33.54 16.68 -7.33
C ALA A 94 32.60 15.63 -6.75
N ASP A 95 31.96 14.87 -7.62
CA ASP A 95 30.98 13.86 -7.17
C ASP A 95 30.87 12.75 -8.20
N ASP A 96 30.11 11.71 -7.91
CA ASP A 96 30.01 10.58 -8.84
C ASP A 96 29.44 10.96 -10.20
N ALA A 97 28.50 11.90 -10.23
CA ALA A 97 27.93 12.37 -11.50
C ALA A 97 29.02 12.88 -12.44
N GLY A 98 29.94 13.66 -11.89
CA GLY A 98 31.06 14.16 -12.66
C GLY A 98 31.87 13.04 -13.30
N PHE A 99 32.14 11.97 -12.55
CA PHE A 99 32.90 10.86 -13.11
C PHE A 99 32.14 10.19 -14.24
N ILE A 100 30.83 10.07 -14.10
CA ILE A 100 30.02 9.47 -15.15
C ILE A 100 30.06 10.32 -16.41
N TYR A 101 29.96 11.64 -16.25
CA TYR A 101 30.00 12.50 -17.41
C TYR A 101 31.39 12.52 -18.03
N ALA A 102 32.44 12.44 -17.22
CA ALA A 102 33.79 12.28 -17.76
C ALA A 102 33.89 11.02 -18.62
N ILE A 103 33.29 9.92 -18.13
CA ILE A 103 33.28 8.67 -18.89
C ILE A 103 32.56 8.86 -20.21
N GLN A 104 31.45 9.58 -20.20
CA GLN A 104 30.73 9.82 -21.45
C GLN A 104 31.59 10.61 -22.43
N SER A 105 32.36 11.57 -21.93
CA SER A 105 33.26 12.32 -22.80
C SER A 105 34.40 11.44 -23.34
N LEU A 106 34.97 10.59 -22.49
CA LEU A 106 36.04 9.69 -22.93
C LEU A 106 35.54 8.76 -24.03
N ARG A 107 34.30 8.32 -23.93
CA ARG A 107 33.70 7.47 -24.96
C ARG A 107 33.80 8.12 -26.33
N GLN A 108 33.48 9.40 -26.40
CA GLN A 108 33.48 10.14 -27.65
C GLN A 108 34.86 10.67 -28.04
N TRP A 109 35.77 10.75 -27.08
CA TRP A 109 37.09 11.31 -27.35
C TRP A 109 38.03 10.26 -27.93
N ASN A 110 37.78 8.99 -27.61
CA ASN A 110 38.52 7.89 -28.22
C ASN A 110 38.42 7.97 -29.74
N THR A 111 39.55 7.89 -30.45
CA THR A 111 39.53 8.06 -31.90
C THR A 111 38.86 6.89 -32.61
N GLY A 112 38.98 5.69 -32.03
CA GLY A 112 38.47 4.50 -32.67
C GLY A 112 39.27 4.13 -33.90
N GLU A 113 40.49 4.67 -34.00
CA GLU A 113 41.38 4.40 -35.13
C GLU A 113 41.90 2.96 -35.09
N GLU A 114 42.00 2.42 -33.88
CA GLU A 114 42.56 1.09 -33.69
C GLU A 114 41.77 0.32 -32.63
N ARG A 115 42.25 -0.90 -32.35
CA ARG A 115 41.76 -1.66 -31.21
C ARG A 115 42.23 -0.97 -29.94
N GLY A 116 41.53 -1.22 -28.84
CA GLY A 116 41.84 -0.52 -27.60
C GLY A 116 41.42 0.93 -27.68
N LEU A 117 42.10 1.78 -26.91
CA LEU A 117 41.74 3.18 -26.80
C LEU A 117 42.87 4.08 -27.28
N ILE A 118 42.51 5.15 -27.97
CA ILE A 118 43.49 6.15 -28.41
C ILE A 118 42.92 7.51 -28.09
N PHE A 119 43.61 8.25 -27.22
CA PHE A 119 43.12 9.54 -26.77
C PHE A 119 44.09 10.65 -27.11
N PRO A 120 43.67 11.59 -27.96
CA PRO A 120 44.55 12.74 -28.24
C PRO A 120 44.76 13.52 -26.96
N CYS A 121 45.97 14.03 -26.75
CA CYS A 121 46.24 14.77 -25.53
C CYS A 121 45.36 16.02 -25.45
N VAL A 122 44.91 16.35 -24.25
CA VAL A 122 43.88 17.37 -24.09
C VAL A 122 43.69 17.69 -22.61
N GLU A 123 43.17 18.89 -22.35
CA GLU A 123 42.57 19.16 -21.05
C GLU A 123 41.14 19.63 -21.29
N ILE A 124 40.19 18.92 -20.69
CA ILE A 124 38.78 19.24 -20.81
C ILE A 124 38.27 19.59 -19.42
N THR A 125 37.62 20.75 -19.31
CA THR A 125 37.01 21.17 -18.05
C THR A 125 35.55 21.45 -18.36
N ASP A 126 34.63 20.85 -17.60
CA ASP A 126 33.26 20.78 -18.10
C ASP A 126 32.26 20.67 -16.93
N PHE A 127 31.10 21.30 -17.09
CA PHE A 127 30.04 21.26 -16.09
C PHE A 127 28.75 21.78 -16.72
N PRO A 128 27.58 21.37 -16.19
CA PRO A 128 26.31 21.68 -16.85
C PRO A 128 25.80 23.09 -16.64
N ARG A 129 25.17 23.62 -17.69
CA ARG A 129 24.58 24.94 -17.63
C ARG A 129 23.43 25.00 -16.64
N VAL A 130 22.58 23.97 -16.64
CA VAL A 130 21.42 23.92 -15.73
C VAL A 130 21.36 22.63 -14.95
N LYS A 131 20.67 22.67 -13.80
CA LYS A 131 20.67 21.58 -12.83
C LYS A 131 19.70 20.48 -13.17
N TRP A 132 18.66 20.81 -13.92
CA TRP A 132 17.65 19.82 -14.31
C TRP A 132 17.72 19.59 -15.81
N ARG A 133 18.02 18.36 -16.21
CA ARG A 133 18.19 18.00 -17.63
C ARG A 133 17.52 16.65 -17.82
N SER A 134 16.30 16.63 -18.39
CA SER A 134 15.53 15.37 -18.41
C SER A 134 14.99 14.98 -19.77
N PHE A 135 14.73 13.67 -19.90
CA PHE A 135 14.03 13.15 -21.06
C PHE A 135 12.86 12.35 -20.51
N LEU A 137 9.69 9.61 -21.36
CA LEU A 137 9.11 8.65 -22.30
C LEU A 137 7.71 8.30 -21.82
N ASP A 138 6.77 8.31 -22.74
CA ASP A 138 5.38 7.95 -22.49
C ASP A 138 5.25 6.43 -22.57
N SER A 139 5.27 5.79 -21.40
CA SER A 139 5.02 4.36 -21.28
C SER A 139 3.59 4.12 -20.80
N GLY A 140 2.73 5.13 -20.89
CA GLY A 140 1.34 4.92 -20.53
C GLY A 140 0.53 4.47 -21.75
N ARG A 141 0.64 5.24 -22.83
CA ARG A 141 -0.14 4.92 -24.04
C ARG A 141 0.41 3.70 -24.78
N GLN A 142 1.71 3.48 -24.62
CA GLN A 142 2.39 2.38 -25.28
C GLN A 142 3.27 1.68 -24.25
N TYR A 143 3.40 0.36 -24.38
CA TYR A 143 4.35 -0.38 -23.55
C TYR A 143 5.65 -0.57 -24.32
N GLN A 144 6.77 -0.23 -23.70
CA GLN A 144 8.08 -0.55 -24.27
C GLN A 144 8.75 -1.60 -23.41
N LYS A 145 9.41 -2.57 -24.04
CA LYS A 145 10.08 -3.61 -23.24
C LYS A 145 11.20 -3.03 -22.38
N VAL A 146 11.57 -3.77 -21.35
CA VAL A 146 12.57 -3.29 -20.40
C VAL A 146 13.87 -2.89 -21.09
N SER A 147 14.31 -3.68 -22.07
CA SER A 147 15.56 -3.35 -22.77
C SER A 147 15.46 -2.02 -23.51
N THR A 148 14.25 -1.65 -23.91
CA THR A 148 14.02 -0.38 -24.59
C THR A 148 13.98 0.79 -23.61
N ILE A 149 13.38 0.59 -22.45
CA ILE A 149 13.49 1.58 -21.39
C ILE A 149 14.96 1.83 -21.07
N LYS A 150 15.75 0.75 -20.95
CA LYS A 150 17.19 0.91 -20.69
C LYS A 150 17.90 1.68 -21.78
N LYS A 151 17.51 1.44 -23.04
CA LYS A 151 18.12 2.13 -24.18
C LYS A 151 18.00 3.64 -24.06
N TYR A 152 16.85 4.11 -23.59
CA TYR A 152 16.64 5.56 -23.50
C TYR A 152 17.21 6.16 -22.22
N ILE A 153 17.31 5.36 -21.17
CA ILE A 153 18.06 5.78 -19.98
C ILE A 153 19.53 5.92 -20.36
N ASP A 154 20.04 4.93 -21.09
CA ASP A 154 21.42 4.97 -21.56
C ASP A 154 21.64 6.19 -22.45
N ALA A 156 20.01 9.04 -22.29
CA ALA A 156 19.97 10.23 -21.45
C ALA A 156 21.34 10.46 -20.83
N SER A 157 21.94 9.39 -20.33
CA SER A 157 23.28 9.48 -19.72
C SER A 157 24.33 9.87 -20.76
N LEU A 159 24.01 11.70 -23.23
CA LEU A 159 23.86 13.10 -23.61
C LEU A 159 24.00 14.00 -22.39
N LYS A 160 24.51 13.43 -21.31
CA LYS A 160 24.77 14.13 -20.04
C LYS A 160 23.53 14.70 -19.34
N ASN A 162 20.40 14.16 -16.52
CA ASN A 162 20.42 13.55 -15.19
C ASN A 162 19.11 12.99 -14.68
N TYR A 163 18.02 13.17 -15.43
CA TYR A 163 16.75 12.59 -15.02
C TYR A 163 16.08 11.90 -16.18
N PHE A 164 15.48 10.75 -15.90
CA PHE A 164 14.62 10.08 -16.88
C PHE A 164 13.23 10.13 -16.28
N HIS A 165 12.33 10.84 -16.95
CA HIS A 165 10.97 11.04 -16.46
C HIS A 165 10.11 9.94 -17.09
N TRP A 166 9.56 9.06 -16.25
CA TRP A 166 8.91 7.85 -16.74
C TRP A 166 7.39 8.01 -16.57
N HIS A 167 6.70 8.28 -17.67
CA HIS A 167 5.26 8.54 -17.65
C HIS A 167 4.60 7.18 -17.68
N LEU A 168 4.18 6.70 -16.51
CA LEU A 168 3.80 5.30 -16.31
C LEU A 168 2.31 5.03 -16.31
N THR A 169 1.48 6.07 -16.22
CA THR A 169 0.05 5.86 -16.11
C THR A 169 -0.69 6.78 -17.06
N GLU A 170 -1.71 6.24 -17.69
CA GLU A 170 -2.49 6.97 -18.68
C GLU A 170 -3.86 6.32 -18.72
N GLY A 171 -4.82 6.96 -19.39
CA GLY A 171 -6.12 6.36 -19.56
C GLY A 171 -6.00 5.03 -20.30
N LEU A 172 -5.03 4.96 -21.20
CA LEU A 172 -4.82 3.79 -22.05
C LEU A 172 -3.92 2.74 -21.42
N GLY A 173 -3.45 2.98 -20.20
CA GLY A 173 -2.55 2.02 -19.57
C GLY A 173 -2.00 2.46 -18.24
N TRP A 174 -2.21 1.63 -17.23
CA TRP A 174 -1.53 1.79 -15.95
C TRP A 174 -0.44 0.74 -15.94
N ARG A 175 0.82 1.16 -15.94
CA ARG A 175 1.90 0.19 -16.12
C ARG A 175 2.83 0.01 -14.93
N ILE A 176 2.50 0.62 -13.79
CA ILE A 176 3.37 0.47 -12.62
C ILE A 176 2.70 -0.47 -11.62
N GLU A 177 3.36 -1.58 -11.31
CA GLU A 177 2.79 -2.57 -10.39
C GLU A 177 2.72 -2.01 -8.96
N ILE A 178 1.53 -2.12 -8.37
CA ILE A 178 1.27 -1.72 -7.00
C ILE A 178 0.73 -2.97 -6.30
N LYS A 179 1.50 -3.52 -5.38
CA LYS A 179 1.17 -4.80 -4.76
C LYS A 179 -0.15 -4.76 -4.01
N ARG A 180 -0.43 -3.61 -3.39
CA ARG A 180 -1.64 -3.46 -2.58
C ARG A 180 -2.90 -3.48 -3.45
N TYR A 181 -2.76 -3.07 -4.70
CA TYR A 181 -3.88 -3.02 -5.62
C TYR A 181 -3.50 -3.69 -6.93
N PRO A 182 -3.51 -5.04 -6.94
CA PRO A 182 -3.06 -5.86 -8.08
C PRO A 182 -3.80 -5.57 -9.38
N PHE A 183 -5.07 -5.16 -9.30
CA PHE A 183 -5.86 -4.94 -10.51
C PHE A 183 -5.37 -3.76 -11.33
N LEU A 184 -4.63 -2.84 -10.72
CA LEU A 184 -4.14 -1.66 -11.45
C LEU A 184 -3.34 -2.11 -12.67
N THR A 185 -2.53 -3.15 -12.52
CA THR A 185 -1.77 -3.69 -13.65
C THR A 185 -2.47 -4.88 -14.30
N ARG A 186 -3.02 -5.79 -13.50
CA ARG A 186 -3.62 -7.00 -14.05
C ARG A 186 -4.78 -6.67 -14.99
N ILE A 187 -5.48 -5.59 -14.71
CA ILE A 187 -6.55 -5.12 -15.60
C ILE A 187 -6.07 -3.89 -16.37
N GLY A 188 -5.53 -2.93 -15.64
CA GLY A 188 -5.24 -1.62 -16.22
C GLY A 188 -4.13 -1.56 -17.24
N ALA A 189 -3.27 -2.56 -17.28
CA ALA A 189 -2.18 -2.57 -18.26
C ALA A 189 -2.54 -3.29 -19.56
N PHE A 190 -3.80 -3.70 -19.67
CA PHE A 190 -4.25 -4.52 -20.80
C PHE A 190 -5.53 -3.97 -21.43
N VAL A 191 -5.88 -2.74 -21.08
CA VAL A 191 -7.07 -2.10 -21.61
C VAL A 191 -6.87 -1.64 -23.06
N GLY A 192 -5.63 -1.29 -23.39
CA GLY A 192 -5.29 -0.90 -24.75
C GLY A 192 -5.28 -2.07 -25.71
N GLN A 193 -5.87 -1.86 -26.89
CA GLN A 193 -6.09 -2.94 -27.84
C GLN A 193 -5.17 -2.87 -29.06
N GLY A 194 -4.35 -1.84 -29.15
CA GLY A 194 -3.51 -1.67 -30.32
C GLY A 194 -2.15 -2.30 -30.16
N PRO A 195 -1.33 -2.26 -31.22
CA PRO A 195 0.03 -2.82 -31.23
C PRO A 195 0.85 -2.31 -30.06
N GLU A 196 1.45 -3.23 -29.33
CA GLU A 196 2.33 -2.90 -28.21
C GLU A 196 1.65 -2.07 -27.13
N GLN A 197 0.34 -2.26 -26.92
CA GLN A 197 -0.33 -1.50 -25.86
C GLN A 197 -0.59 -2.32 -24.58
N GLN A 198 -0.07 -3.55 -24.55
CA GLN A 198 -0.31 -4.45 -23.41
C GLN A 198 0.98 -4.72 -22.64
N GLY A 199 0.92 -4.64 -21.31
CA GLY A 199 2.05 -5.01 -20.48
C GLY A 199 2.35 -4.01 -19.39
N PHE A 200 3.11 -4.43 -18.39
CA PHE A 200 3.45 -3.53 -17.29
C PHE A 200 4.83 -3.82 -16.74
N TYR A 201 5.30 -2.94 -15.87
CA TYR A 201 6.59 -3.10 -15.21
C TYR A 201 6.35 -3.59 -13.78
N SER A 202 6.84 -4.78 -13.49
CA SER A 202 6.68 -5.36 -12.16
C SER A 202 7.62 -4.63 -11.21
N GLN A 203 7.44 -4.80 -9.90
CA GLN A 203 8.31 -4.12 -8.96
C GLN A 203 9.76 -4.59 -9.12
N GLU A 204 9.93 -5.87 -9.48
CA GLU A 204 11.26 -6.43 -9.74
C GLU A 204 11.93 -5.76 -10.93
N GLU A 205 11.20 -5.61 -12.02
CA GLU A 205 11.71 -4.90 -13.20
C GLU A 205 12.07 -3.44 -12.89
N VAL A 206 11.24 -2.77 -12.08
CA VAL A 206 11.53 -1.40 -11.68
C VAL A 206 12.84 -1.35 -10.89
N LYS A 207 13.04 -2.32 -10.00
CA LYS A 207 14.29 -2.39 -9.23
C LYS A 207 15.49 -2.52 -10.17
N GLU A 208 15.36 -3.36 -11.19
CA GLU A 208 16.42 -3.53 -12.20
C GLU A 208 16.69 -2.21 -12.92
N ILE A 209 15.62 -1.55 -13.35
CA ILE A 209 15.73 -0.27 -14.06
C ILE A 209 16.36 0.82 -13.19
N ILE A 210 15.96 0.90 -11.93
CA ILE A 210 16.55 1.88 -11.02
C ILE A 210 18.05 1.65 -10.84
N GLY A 211 18.46 0.40 -10.73
CA GLY A 211 19.87 0.07 -10.57
C GLY A 211 20.64 0.40 -11.83
N TYR A 212 20.07 0.07 -12.98
CA TYR A 212 20.70 0.37 -14.27
C TYR A 212 20.92 1.87 -14.44
N ALA A 213 19.89 2.63 -14.07
CA ALA A 213 19.95 4.08 -14.19
C ALA A 213 21.01 4.65 -13.25
N ALA A 214 21.02 4.18 -12.00
CA ALA A 214 21.97 4.67 -11.01
C ALA A 214 23.41 4.49 -11.48
N ASP A 215 23.68 3.38 -12.15
CA ASP A 215 25.02 3.09 -12.66
C ASP A 215 25.46 4.08 -13.72
N ARG A 216 24.51 4.81 -14.30
CA ARG A 216 24.88 5.80 -15.30
C ARG A 216 24.39 7.21 -14.95
N GLY A 217 24.24 7.48 -13.67
CA GLY A 217 23.99 8.83 -13.19
C GLY A 217 22.60 9.39 -13.44
N ILE A 218 21.64 8.50 -13.66
CA ILE A 218 20.28 8.91 -13.99
C ILE A 218 19.34 8.65 -12.83
N THR A 219 18.58 9.67 -12.42
CA THR A 219 17.53 9.53 -11.41
C THR A 219 16.22 9.32 -12.16
N VAL A 220 15.49 8.27 -11.80
CA VAL A 220 14.23 7.96 -12.49
C VAL A 220 13.07 8.61 -11.75
N VAL A 221 12.40 9.55 -12.42
CA VAL A 221 11.29 10.30 -11.83
C VAL A 221 9.99 9.67 -12.33
N PRO A 222 9.26 8.98 -11.44
CA PRO A 222 8.00 8.39 -11.91
C PRO A 222 6.91 9.43 -12.01
N GLU A 223 6.00 9.26 -12.97
CA GLU A 223 4.78 10.09 -12.99
C GLU A 223 3.55 9.21 -12.78
N ILE A 224 2.81 9.51 -11.72
CA ILE A 224 1.54 8.85 -11.44
C ILE A 224 0.48 9.92 -11.63
N ASP A 225 -0.27 9.81 -12.72
CA ASP A 225 -1.24 10.85 -13.07
C ASP A 225 -2.50 10.81 -12.22
N PRO A 227 -5.71 13.93 -10.95
CA PRO A 227 -6.84 13.00 -10.85
C PRO A 227 -7.28 12.47 -12.21
N GLY A 228 -6.77 13.07 -13.28
CA GLY A 228 -7.14 12.68 -14.63
C GLY A 228 -6.29 11.52 -15.13
N HIS A 229 -6.48 11.13 -16.38
CA HIS A 229 -5.79 9.97 -16.96
C HIS A 229 -5.98 8.72 -16.10
N ALA A 230 -7.21 8.52 -15.62
CA ALA A 230 -7.49 7.50 -14.64
C ALA A 230 -8.29 6.32 -15.19
N GLU A 231 -8.72 6.41 -16.44
CA GLU A 231 -9.61 5.43 -17.05
C GLU A 231 -9.18 3.96 -16.81
N ALA A 232 -7.89 3.68 -17.02
CA ALA A 232 -7.36 2.33 -16.83
C ALA A 232 -7.45 1.92 -15.36
N ALA A 233 -7.15 2.86 -14.47
CA ALA A 233 -7.23 2.63 -13.04
C ALA A 233 -8.67 2.41 -12.62
N LEU A 234 -9.59 3.14 -13.25
CA LEU A 234 -11.02 3.02 -12.94
C LEU A 234 -11.59 1.69 -13.41
N ASN A 235 -10.98 1.13 -14.46
CA ASN A 235 -11.35 -0.21 -14.92
C ASN A 235 -10.95 -1.25 -13.87
N ALA A 236 -9.83 -1.00 -13.23
CA ALA A 236 -9.35 -1.85 -12.16
C ALA A 236 -10.24 -1.71 -10.93
N TYR A 237 -10.52 -0.47 -10.54
CA TYR A 237 -11.24 -0.16 -9.31
C TYR A 237 -12.30 0.94 -9.51
N PRO A 238 -13.47 0.57 -10.03
CA PRO A 238 -14.54 1.52 -10.37
C PRO A 238 -15.00 2.36 -9.18
N ARG A 239 -14.79 1.85 -7.96
CA ARG A 239 -15.18 2.56 -6.74
C ARG A 239 -14.28 3.77 -6.46
N LEU A 240 -13.20 3.89 -7.22
CA LEU A 240 -12.34 5.07 -7.15
C LEU A 240 -13.01 6.24 -7.84
N GLY A 241 -13.95 5.93 -8.72
CA GLY A 241 -14.75 6.95 -9.36
C GLY A 241 -15.86 7.36 -8.43
N CYS A 242 -16.69 8.29 -8.88
CA CYS A 242 -17.78 8.82 -8.06
C CYS A 242 -18.78 7.74 -7.69
N PHE A 243 -18.88 6.70 -8.53
CA PHE A 243 -19.78 5.58 -8.28
C PHE A 243 -19.15 4.27 -8.77
N ASN A 244 -19.59 3.16 -8.19
CA ASN A 244 -19.17 1.83 -8.64
C ASN A 244 -19.74 1.53 -10.02
N VAL A 245 -19.26 2.26 -11.03
CA VAL A 245 -19.74 2.11 -12.40
C VAL A 245 -18.59 1.74 -13.33
N ALA A 246 -18.94 1.16 -14.49
CA ALA A 246 -17.93 0.77 -15.47
C ALA A 246 -17.52 1.95 -16.35
N VAL A 247 -16.35 1.85 -16.97
CA VAL A 247 -15.77 2.98 -17.69
C VAL A 247 -15.01 2.56 -18.95
N LYS A 248 -15.49 3.02 -20.10
CA LYS A 248 -14.81 2.75 -21.38
C LYS A 248 -13.43 3.41 -21.42
N VAL A 249 -12.47 2.71 -22.02
CA VAL A 249 -11.11 3.24 -22.17
C VAL A 249 -10.92 3.79 -23.59
N PRO A 250 -10.56 5.10 -23.68
CA PRO A 250 -10.41 5.81 -24.94
C PRO A 250 -9.07 5.54 -25.64
N GLN A 251 -9.13 4.97 -26.85
CA GLN A 251 -7.91 4.67 -27.60
C GLN A 251 -7.34 5.91 -28.27
N ASN A 257 -14.08 10.65 -17.06
CA ASN A 257 -13.95 9.78 -15.89
C ASN A 257 -12.59 9.91 -15.23
N ILE A 258 -12.58 10.53 -14.05
CA ILE A 258 -11.34 10.76 -13.31
C ILE A 258 -11.51 10.29 -11.87
N PHE A 259 -10.42 10.27 -11.12
CA PHE A 259 -10.49 9.92 -9.70
C PHE A 259 -11.39 10.93 -8.98
N CYS A 260 -12.27 10.43 -8.12
CA CYS A 260 -13.16 11.29 -7.37
C CYS A 260 -12.45 11.93 -6.18
N ALA A 261 -12.21 13.24 -6.24
CA ALA A 261 -11.57 13.94 -5.12
C ALA A 261 -12.49 14.01 -3.90
N GLY A 262 -13.78 13.76 -4.11
CA GLY A 262 -14.75 13.86 -3.05
C GLY A 262 -14.73 12.70 -2.07
N LYS A 263 -14.20 11.56 -2.49
CA LYS A 263 -14.17 10.38 -1.64
C LYS A 263 -12.85 10.27 -0.89
N ASP A 264 -12.93 10.23 0.44
CA ASP A 264 -11.74 10.03 1.26
C ASP A 264 -11.06 8.71 0.92
N SER A 265 -11.86 7.72 0.56
CA SER A 265 -11.33 6.43 0.11
C SER A 265 -10.46 6.58 -1.13
N THR A 266 -10.80 7.54 -2.00
CA THR A 266 -9.98 7.79 -3.18
C THR A 266 -8.64 8.40 -2.78
N LEU A 267 -8.67 9.42 -1.93
CA LEU A 267 -7.43 10.03 -1.44
C LEU A 267 -6.56 8.99 -0.72
N ILE A 268 -7.18 8.22 0.17
CA ILE A 268 -6.49 7.14 0.86
C ILE A 268 -5.89 6.12 -0.11
N PHE A 269 -6.66 5.75 -1.14
CA PHE A 269 -6.17 4.86 -2.18
C PHE A 269 -4.91 5.44 -2.84
N LEU A 270 -4.99 6.70 -3.23
CA LEU A 270 -3.89 7.31 -3.96
C LEU A 270 -2.66 7.50 -3.07
N LYS A 271 -2.89 7.78 -1.79
CA LYS A 271 -1.81 7.85 -0.83
C LYS A 271 -1.13 6.48 -0.69
N ASN A 272 -1.91 5.42 -0.60
CA ASN A 272 -1.37 4.07 -0.55
C ASN A 272 -0.52 3.76 -1.79
N VAL A 273 -0.97 4.22 -2.95
CA VAL A 273 -0.19 4.05 -4.18
C VAL A 273 1.14 4.80 -4.08
N LEU A 274 1.08 6.04 -3.60
CA LEU A 274 2.31 6.83 -3.49
C LEU A 274 3.27 6.26 -2.45
N ASP A 275 2.73 5.58 -1.44
CA ASP A 275 3.55 4.89 -0.46
C ASP A 275 4.47 3.89 -1.19
N GLU A 276 3.88 3.10 -2.09
CA GLU A 276 4.67 2.10 -2.81
C GLU A 276 5.59 2.75 -3.84
N VAL A 277 5.08 3.75 -4.54
CA VAL A 277 5.91 4.50 -5.48
C VAL A 277 7.15 5.08 -4.80
N CYS A 278 6.98 5.60 -3.60
CA CYS A 278 8.14 6.16 -2.88
C CYS A 278 9.12 5.09 -2.40
N ARG A 279 8.62 3.89 -2.10
CA ARG A 279 9.51 2.79 -1.72
C ARG A 279 10.36 2.34 -2.89
N PHE A 281 10.91 4.11 -5.92
CA PHE A 281 11.65 5.17 -6.62
C PHE A 281 12.26 6.12 -5.60
N PRO A 282 13.59 6.02 -5.39
CA PRO A 282 14.22 6.89 -4.40
C PRO A 282 14.32 8.36 -4.81
N SER A 283 13.93 8.67 -6.06
CA SER A 283 13.93 10.05 -6.58
C SER A 283 13.35 11.07 -5.61
N ALA A 284 14.08 12.17 -5.41
CA ALA A 284 13.61 13.27 -4.58
C ALA A 284 12.35 13.92 -5.17
N TYR A 285 12.15 13.71 -6.47
CA TYR A 285 11.03 14.28 -7.20
C TYR A 285 10.04 13.21 -7.66
N ILE A 286 8.76 13.45 -7.41
CA ILE A 286 7.71 12.57 -7.93
C ILE A 286 6.74 13.43 -8.72
N HIS A 287 6.40 13.01 -9.93
CA HIS A 287 5.54 13.80 -10.80
C HIS A 287 4.10 13.32 -10.59
N LEU A 288 3.18 14.24 -10.31
CA LEU A 288 1.78 13.84 -10.07
C LEU A 288 0.86 14.29 -11.20
N GLY A 289 1.42 14.67 -12.34
CA GLY A 289 0.62 15.15 -13.45
C GLY A 289 -0.16 16.42 -13.10
N GLY A 290 -1.47 16.29 -13.02
CA GLY A 290 -2.28 17.42 -12.59
C GLY A 290 -2.84 18.27 -13.72
N ASP A 291 -2.50 17.92 -14.96
CA ASP A 291 -3.06 18.61 -16.12
C ASP A 291 -4.59 18.55 -16.13
N PRO A 294 -10.58 17.99 -17.13
CA PRO A 294 -11.87 17.44 -17.54
C PRO A 294 -12.81 17.29 -16.34
N LYS A 295 -13.62 18.31 -16.08
CA LYS A 295 -14.44 18.36 -14.87
C LYS A 295 -15.87 17.87 -15.05
N GLY A 296 -16.10 17.08 -16.09
CA GLY A 296 -17.43 16.57 -16.40
C GLY A 296 -18.08 15.79 -15.27
N ASN A 297 -17.33 14.85 -14.71
CA ASN A 297 -17.83 14.01 -13.60
C ASN A 297 -17.87 14.76 -12.26
N TRP A 298 -16.90 15.66 -12.05
CA TRP A 298 -16.81 16.45 -10.82
C TRP A 298 -17.98 17.40 -10.64
N ASP A 299 -18.30 18.15 -11.70
CA ASP A 299 -19.35 19.16 -11.67
C ASP A 299 -20.73 18.63 -11.27
N LYS A 300 -20.88 17.30 -11.24
CA LYS A 300 -22.16 16.69 -10.91
C LYS A 300 -22.09 15.67 -9.77
N CYS A 301 -20.88 15.35 -9.32
CA CYS A 301 -20.69 14.38 -8.24
C CYS A 301 -21.07 14.94 -6.87
N PRO A 302 -22.01 14.27 -6.18
CA PRO A 302 -22.39 14.67 -4.82
C PRO A 302 -21.20 14.70 -3.87
N ASP A 303 -20.21 13.84 -4.10
CA ASP A 303 -19.03 13.79 -3.25
C ASP A 303 -18.05 14.92 -3.54
N CYS A 304 -17.95 15.33 -4.81
CA CYS A 304 -17.06 16.44 -5.19
C CYS A 304 -17.67 17.81 -4.83
N ARG A 305 -18.98 17.94 -4.98
CA ARG A 305 -19.67 19.17 -4.61
C ARG A 305 -19.73 19.33 -3.09
N SER A 306 -19.81 18.20 -2.39
CA SER A 306 -19.79 18.20 -0.92
C SER A 306 -18.42 18.63 -0.41
N ARG A 307 -17.36 18.16 -1.07
CA ARG A 307 -16.01 18.52 -0.69
C ARG A 307 -15.73 20.01 -0.86
N ILE A 308 -16.27 20.59 -1.94
CA ILE A 308 -16.14 22.02 -2.20
C ILE A 308 -16.74 22.81 -1.05
N GLU A 309 -17.90 22.35 -0.58
CA GLU A 309 -18.59 22.97 0.56
C GLU A 309 -17.74 22.96 1.82
N LYS A 310 -17.33 21.77 2.24
CA LYS A 310 -16.61 21.57 3.50
C LYS A 310 -15.26 22.30 3.56
N GLU A 311 -14.60 22.42 2.42
CA GLU A 311 -13.26 22.99 2.37
C GLU A 311 -13.24 24.46 1.99
N LYS A 312 -14.43 25.04 1.81
CA LYS A 312 -14.58 26.45 1.42
C LYS A 312 -13.87 26.75 0.09
N LEU A 313 -14.10 25.89 -0.89
CA LEU A 313 -13.49 26.06 -2.22
C LEU A 313 -14.43 26.82 -3.15
N LYS A 314 -13.88 27.38 -4.21
CA LYS A 314 -14.68 28.13 -5.18
C LYS A 314 -15.45 27.22 -6.12
N ASP A 315 -14.72 26.32 -6.79
CA ASP A 315 -15.29 25.54 -7.88
C ASP A 315 -14.52 24.24 -8.14
N SER A 316 -14.87 23.57 -9.25
CA SER A 316 -14.23 22.32 -9.65
C SER A 316 -12.71 22.47 -9.82
N HIS A 317 -12.29 23.58 -10.41
CA HIS A 317 -10.86 23.83 -10.59
C HIS A 317 -10.16 23.94 -9.25
N ASP A 318 -10.76 24.69 -8.33
CA ASP A 318 -10.19 24.89 -7.01
C ASP A 318 -10.12 23.57 -6.25
N LEU A 319 -11.07 22.68 -6.54
CA LEU A 319 -11.06 21.33 -5.98
C LEU A 319 -9.82 20.57 -6.45
N GLN A 320 -9.46 20.74 -7.71
CA GLN A 320 -8.29 20.04 -8.24
C GLN A 320 -7.03 20.55 -7.55
N LEU A 321 -6.98 21.85 -7.29
CA LEU A 321 -5.89 22.44 -6.51
C LEU A 321 -5.83 21.87 -5.10
N TRP A 322 -6.98 21.82 -4.44
CA TRP A 322 -7.08 21.24 -3.10
C TRP A 322 -6.58 19.80 -3.10
N PHE A 323 -7.05 19.03 -4.07
CA PHE A 323 -6.62 17.66 -4.24
C PHE A 323 -5.11 17.56 -4.48
N SER A 324 -4.60 18.38 -5.39
CA SER A 324 -3.18 18.41 -5.69
C SER A 324 -2.40 18.79 -4.44
N ALA A 325 -2.95 19.71 -3.68
CA ALA A 325 -2.33 20.15 -2.44
C ALA A 325 -2.21 19.01 -1.42
N ARG A 326 -3.28 18.23 -1.28
CA ARG A 326 -3.28 17.11 -0.33
C ARG A 326 -2.22 16.07 -0.71
N ALA A 328 0.51 16.57 -2.64
CA ALA A 328 1.82 17.18 -2.49
C ALA A 328 2.20 17.24 -1.02
N ASP A 329 1.24 17.54 -0.16
CA ASP A 329 1.53 17.57 1.28
C ASP A 329 1.93 16.19 1.76
N TYR A 330 1.29 15.16 1.22
CA TYR A 330 1.64 13.79 1.56
C TYR A 330 3.09 13.50 1.15
N LEU A 331 3.44 13.89 -0.06
CA LEU A 331 4.80 13.71 -0.55
C LEU A 331 5.77 14.50 0.33
N LYS A 332 5.34 15.68 0.76
CA LYS A 332 6.17 16.52 1.62
C LYS A 332 6.54 15.82 2.92
N GLN A 333 5.59 15.14 3.54
CA GLN A 333 5.86 14.44 4.79
C GLN A 333 6.72 13.19 4.55
N LYS A 334 6.86 12.81 3.28
CA LYS A 334 7.75 11.73 2.89
C LYS A 334 9.12 12.25 2.43
N GLY A 335 9.28 13.57 2.47
CA GLY A 335 10.55 14.17 2.07
C GLY A 335 10.74 14.28 0.57
N ARG A 336 9.65 14.22 -0.20
CA ARG A 336 9.76 14.35 -1.65
C ARG A 336 9.17 15.68 -2.12
N LYS A 337 9.57 16.09 -3.32
CA LYS A 337 8.98 17.23 -4.00
C LYS A 337 7.96 16.71 -5.01
N ALA A 338 6.93 17.50 -5.27
CA ALA A 338 5.85 17.09 -6.16
C ALA A 338 5.85 17.95 -7.42
N ILE A 339 5.97 17.31 -8.59
CA ILE A 339 5.92 18.06 -9.84
C ILE A 339 4.53 17.98 -10.44
N PHE A 340 4.02 19.10 -10.93
CA PHE A 340 2.72 19.14 -11.59
C PHE A 340 2.88 19.80 -12.95
N TRP A 341 2.09 19.38 -13.93
CA TRP A 341 2.04 20.13 -15.19
C TRP A 341 1.50 21.54 -14.94
N GLY A 342 1.94 22.51 -15.72
CA GLY A 342 1.62 23.91 -15.46
C GLY A 342 0.16 24.31 -15.54
N ASP A 343 -0.69 23.51 -16.18
CA ASP A 343 -2.14 23.78 -16.25
C ASP A 343 -2.71 24.14 -14.90
N VAL A 344 -2.23 23.42 -13.90
CA VAL A 344 -2.71 23.49 -12.52
C VAL A 344 -2.83 24.92 -12.02
N ILE A 345 -1.91 25.76 -12.46
CA ILE A 345 -1.77 27.11 -11.93
C ILE A 345 -2.05 28.22 -12.95
N TYR A 346 -2.83 27.89 -13.98
CA TYR A 346 -3.28 28.90 -14.94
C TYR A 346 -4.13 29.92 -14.19
N LYS A 347 -4.95 29.42 -13.27
CA LYS A 347 -5.80 30.28 -12.45
C LYS A 347 -5.40 30.17 -10.98
N ASP A 348 -5.38 31.31 -10.31
CA ASP A 348 -5.07 31.34 -8.88
C ASP A 348 -6.16 30.62 -8.09
N GLY A 349 -5.85 30.24 -6.86
CA GLY A 349 -6.82 29.57 -6.02
C GLY A 349 -6.16 28.97 -4.80
N TYR A 350 -6.65 27.81 -4.38
CA TYR A 350 -6.09 27.09 -3.24
C TYR A 350 -4.59 26.97 -3.40
N SER A 351 -3.84 27.40 -2.39
CA SER A 351 -2.39 27.49 -2.54
C SER A 351 -1.68 26.16 -2.33
N LEU A 352 -0.75 25.87 -3.23
CA LEU A 352 0.02 24.65 -3.21
C LEU A 352 1.20 24.77 -2.26
N PRO A 353 1.54 23.66 -1.57
CA PRO A 353 2.62 23.66 -0.57
C PRO A 353 4.01 23.92 -1.16
N ASP A 354 4.99 24.16 -0.30
CA ASP A 354 6.31 24.63 -0.75
C ASP A 354 7.24 23.56 -1.34
N ASN A 355 6.75 22.32 -1.47
CA ASN A 355 7.54 21.30 -2.16
C ASN A 355 7.10 21.09 -3.61
N VAL A 356 6.25 21.98 -4.11
CA VAL A 356 5.71 21.88 -5.46
C VAL A 356 6.66 22.43 -6.53
N VAL A 357 6.81 21.70 -7.62
CA VAL A 357 7.59 22.13 -8.78
C VAL A 357 6.62 22.13 -9.98
N ILE A 358 6.75 23.11 -10.85
CA ILE A 358 5.87 23.26 -12.00
C ILE A 358 6.57 22.93 -13.32
N GLN A 359 5.99 22.05 -14.12
CA GLN A 359 6.56 21.73 -15.42
C GLN A 359 5.80 22.50 -16.48
N TRP A 360 6.46 23.51 -17.04
CA TRP A 360 5.86 24.44 -17.99
C TRP A 360 5.89 23.82 -19.37
N TRP A 361 4.72 23.66 -20.00
CA TRP A 361 4.67 22.88 -21.25
C TRP A 361 3.86 23.47 -22.41
N ASN A 362 2.76 24.15 -22.13
CA ASN A 362 1.89 24.54 -23.24
C ASN A 362 2.15 25.94 -23.81
N TRP A 363 3.31 26.08 -24.47
CA TRP A 363 3.65 27.33 -25.15
C TRP A 363 2.65 27.64 -26.26
N ARG A 364 2.35 26.63 -27.07
CA ARG A 364 1.47 26.81 -28.23
C ARG A 364 0.11 27.38 -27.83
N GLY A 365 -0.45 26.85 -26.76
CA GLY A 365 -1.76 27.30 -26.30
C GLY A 365 -1.76 28.49 -25.36
N HIS A 366 -0.73 28.60 -24.53
CA HIS A 366 -0.77 29.60 -23.46
C HIS A 366 0.55 30.37 -23.25
N ARG A 367 1.48 30.24 -24.18
CA ARG A 367 2.78 30.90 -24.11
C ARG A 367 3.46 30.66 -22.76
N ASP A 368 3.80 31.74 -22.05
CA ASP A 368 4.53 31.60 -20.79
C ASP A 368 3.65 31.77 -19.54
N LEU A 369 2.34 31.55 -19.68
CA LEU A 369 1.42 31.71 -18.55
C LEU A 369 1.85 30.94 -17.31
N ALA A 370 2.22 29.67 -17.48
CA ALA A 370 2.58 28.84 -16.33
C ALA A 370 3.88 29.31 -15.70
N LEU A 371 4.83 29.69 -16.55
CA LEU A 371 6.08 30.25 -16.07
C LEU A 371 5.81 31.51 -15.25
N LYS A 372 4.95 32.38 -15.76
CA LYS A 372 4.63 33.63 -15.06
C LYS A 372 3.93 33.39 -13.71
N ASN A 373 3.00 32.45 -13.66
CA ASN A 373 2.28 32.21 -12.41
C ASN A 373 3.12 31.44 -11.39
N ALA A 374 4.02 30.59 -11.88
CA ALA A 374 4.95 29.89 -11.00
C ALA A 374 5.87 30.89 -10.30
N VAL A 375 6.38 31.88 -11.01
CA VAL A 375 7.23 32.89 -10.36
C VAL A 375 6.45 33.73 -9.34
N ARG A 376 5.20 34.08 -9.65
CA ARG A 376 4.36 34.86 -8.73
C ARG A 376 4.14 34.12 -7.42
N HIS A 377 4.13 32.80 -7.49
CA HIS A 377 3.83 31.97 -6.33
C HIS A 377 5.09 31.32 -5.75
N ASN A 378 6.25 31.68 -6.30
CA ASN A 378 7.54 31.16 -5.83
C ASN A 378 7.71 29.63 -6.03
N TYR A 379 7.12 29.09 -7.10
CA TYR A 379 7.29 27.67 -7.43
C TYR A 379 8.46 27.52 -8.39
N PRO A 380 9.38 26.57 -8.11
CA PRO A 380 10.42 26.24 -9.10
C PRO A 380 9.81 25.70 -10.38
N VAL A 381 10.51 25.86 -11.49
CA VAL A 381 9.97 25.56 -12.82
C VAL A 381 10.91 24.71 -13.63
N ILE A 382 10.36 23.69 -14.31
CA ILE A 382 11.08 22.96 -15.36
C ILE A 382 10.55 23.43 -16.70
N CYS A 383 11.44 23.83 -17.61
CA CYS A 383 11.02 24.35 -18.90
C CYS A 383 10.91 23.22 -19.91
N GLY A 384 9.68 22.84 -20.23
CA GLY A 384 9.46 21.72 -21.15
C GLY A 384 8.38 22.02 -22.17
N THR A 385 8.52 23.14 -22.86
CA THR A 385 7.46 23.63 -23.74
C THR A 385 7.33 22.79 -25.00
N ASN A 386 6.08 22.58 -25.44
CA ASN A 386 5.83 21.78 -26.61
C ASN A 386 6.58 22.27 -27.85
N TYR A 387 6.47 23.56 -28.14
CA TYR A 387 7.49 24.22 -28.98
C TYR A 387 8.66 24.53 -28.04
N TYR A 388 9.84 23.92 -28.21
CA TYR A 388 10.13 22.88 -29.20
C TYR A 388 10.87 21.74 -28.52
N THR A 389 10.28 21.21 -27.45
CA THR A 389 10.87 20.09 -26.74
C THR A 389 10.06 18.81 -26.88
N TYR A 390 8.89 18.89 -27.54
CA TYR A 390 8.07 17.70 -27.76
C TYR A 390 8.49 16.97 -29.03
N LEU A 391 9.37 15.99 -28.86
CA LEU A 391 9.95 15.27 -29.99
C LEU A 391 8.95 14.38 -30.71
N ASN A 392 7.79 14.16 -30.09
CA ASN A 392 6.70 13.48 -30.81
C ASN A 392 6.13 14.32 -31.95
N PHE A 393 6.37 15.63 -31.94
CA PHE A 393 5.94 16.45 -33.07
C PHE A 393 6.86 16.07 -34.21
N PRO A 394 6.30 15.60 -35.32
CA PRO A 394 7.14 15.18 -36.46
C PRO A 394 7.62 16.40 -37.24
N LEU A 395 8.45 16.21 -38.27
CA LEU A 395 8.91 17.35 -39.07
C LEU A 395 7.90 17.73 -40.16
N THR A 396 7.03 16.79 -40.51
CA THR A 396 5.97 17.02 -41.50
C THR A 396 4.72 16.32 -40.95
N PRO A 397 3.52 16.75 -41.39
CA PRO A 397 2.29 16.25 -40.77
C PRO A 397 2.12 14.72 -40.80
N TRP A 398 1.54 14.18 -39.73
CA TRP A 398 1.34 12.75 -39.57
C TRP A 398 0.20 12.53 -38.60
N LYS A 399 -0.87 11.89 -39.09
CA LYS A 399 -2.05 11.60 -38.27
C LYS A 399 -2.57 12.84 -37.53
N GLY A 400 -2.62 12.77 -36.20
CA GLY A 400 -3.16 13.87 -35.41
C GLY A 400 -2.28 15.10 -35.36
N TYR A 401 -1.04 14.98 -35.83
CA TYR A 401 -0.14 16.13 -35.87
C TYR A 401 -0.27 16.89 -37.20
N THR A 402 -0.93 18.04 -37.18
CA THR A 402 -1.02 18.90 -38.36
C THR A 402 0.25 19.73 -38.46
N GLN A 403 0.30 20.63 -39.44
CA GLN A 403 1.43 21.54 -39.61
C GLN A 403 1.76 22.29 -38.32
N ALA A 404 0.74 22.65 -37.57
CA ALA A 404 0.92 23.41 -36.33
C ALA A 404 1.72 22.66 -35.25
N ARG A 405 1.73 21.33 -35.31
CA ARG A 405 2.52 20.56 -34.35
C ARG A 405 3.63 19.80 -35.07
N THR A 406 4.45 20.57 -35.80
CA THR A 406 5.65 20.06 -36.43
C THR A 406 6.76 21.07 -36.18
N PHE A 407 8.00 20.59 -36.17
CA PHE A 407 9.17 21.48 -36.14
C PHE A 407 10.45 20.73 -36.49
N ASP A 408 11.50 21.45 -36.86
CA ASP A 408 12.74 20.78 -37.22
C ASP A 408 13.94 21.22 -36.37
N LEU A 409 15.13 20.82 -36.79
CA LEU A 409 16.32 21.07 -36.00
C LEU A 409 16.65 22.56 -35.87
N GLU A 410 16.37 23.32 -36.93
CA GLU A 410 16.54 24.76 -36.86
C GLU A 410 15.59 25.41 -35.87
N ASP A 411 14.34 24.95 -35.83
CA ASP A 411 13.39 25.52 -34.88
C ASP A 411 13.85 25.28 -33.45
N VAL A 412 14.25 24.06 -33.13
CA VAL A 412 14.62 23.79 -31.74
C VAL A 412 15.90 24.54 -31.39
N TYR A 413 16.87 24.57 -32.30
CA TYR A 413 18.13 25.23 -31.99
C TYR A 413 18.02 26.75 -31.88
N LEU A 414 17.23 27.36 -32.75
CA LEU A 414 17.23 28.82 -32.88
C LEU A 414 16.09 29.50 -32.14
N ARG A 415 15.00 28.79 -31.86
CA ARG A 415 13.78 29.48 -31.42
C ARG A 415 13.04 28.78 -30.27
N ASN A 416 13.78 28.06 -29.43
CA ASN A 416 13.16 27.28 -28.34
C ASN A 416 12.85 28.15 -27.14
N PRO A 417 11.55 28.30 -26.81
CA PRO A 417 11.17 29.09 -25.63
C PRO A 417 11.75 28.54 -24.34
N SER A 418 12.06 27.24 -24.32
CA SER A 418 12.58 26.60 -23.11
C SER A 418 14.08 26.82 -22.90
N TYR A 419 14.75 27.36 -23.92
CA TYR A 419 16.17 27.67 -23.80
C TYR A 419 16.35 29.12 -23.41
N ARG A 420 16.78 29.34 -22.16
CA ARG A 420 16.88 30.69 -21.60
C ARG A 420 18.28 30.91 -21.02
N PRO A 421 19.26 31.12 -21.89
CA PRO A 421 20.67 31.16 -21.44
C PRO A 421 21.01 32.29 -20.45
N ARG A 422 20.17 33.32 -20.36
CA ARG A 422 20.43 34.39 -19.40
C ARG A 422 20.17 33.92 -17.97
N GLU A 423 21.15 34.17 -17.09
CA GLU A 423 21.23 33.65 -15.71
C GLU A 423 19.89 33.40 -15.04
N GLU A 424 19.29 34.47 -14.51
CA GLU A 424 17.88 34.48 -14.13
C GLU A 424 17.60 33.84 -12.76
N ASN A 425 16.39 34.10 -12.26
CA ASN A 425 15.77 33.43 -11.12
C ASN A 425 16.20 31.98 -10.92
N PRO A 426 16.78 31.65 -9.75
CA PRO A 426 17.18 30.27 -9.45
C PRO A 426 15.99 29.32 -9.36
N LEU A 427 14.78 29.87 -9.33
CA LEU A 427 13.56 29.06 -9.44
C LEU A 427 13.52 28.25 -10.73
N ILE A 428 14.14 28.77 -11.79
CA ILE A 428 14.19 28.03 -13.06
C ILE A 428 15.24 26.92 -12.99
N LEU A 429 14.77 25.68 -12.93
CA LEU A 429 15.64 24.55 -12.64
C LEU A 429 16.39 24.04 -13.84
N GLY A 430 15.73 24.06 -15.00
CA GLY A 430 16.35 23.55 -16.20
C GLY A 430 15.31 23.25 -17.26
N SER A 432 13.33 20.17 -19.98
CA SER A 432 12.97 18.78 -20.27
C SER A 432 12.78 18.58 -21.76
N SER A 433 12.80 17.32 -22.17
CA SER A 433 12.50 16.92 -23.54
C SER A 433 11.53 15.76 -23.38
N ALA A 434 10.66 15.55 -24.36
CA ALA A 434 9.65 14.51 -24.21
C ALA A 434 9.35 13.76 -25.48
N LEU A 435 8.98 12.50 -25.31
CA LEU A 435 8.50 11.71 -26.42
C LEU A 435 7.17 11.09 -26.02
N TRP A 436 6.07 11.73 -26.41
CA TRP A 436 4.73 11.21 -26.14
C TRP A 436 4.40 10.20 -27.22
N THR A 437 3.71 9.13 -26.84
CA THR A 437 3.45 8.06 -27.80
C THR A 437 2.01 8.03 -28.35
N ASP A 438 1.35 9.19 -28.32
CA ASP A 438 0.03 9.35 -28.95
C ASP A 438 0.04 8.86 -30.41
N ASP A 439 -1.08 8.33 -30.86
CA ASP A 439 -1.28 7.91 -32.24
C ASP A 439 -0.52 6.63 -32.61
N GLY A 440 -0.20 5.81 -31.61
CA GLY A 440 0.37 4.50 -31.88
C GLY A 440 1.84 4.49 -32.26
N VAL A 441 2.65 5.28 -31.57
CA VAL A 441 4.09 5.27 -31.77
C VAL A 441 4.70 4.04 -31.08
N THR A 442 5.00 3.02 -31.87
CA THR A 442 5.57 1.78 -31.36
C THR A 442 7.08 1.96 -31.21
N GLU A 443 7.76 0.96 -30.66
CA GLU A 443 9.19 1.09 -30.36
C GLU A 443 10.03 1.42 -31.59
N SER A 444 9.69 0.80 -32.73
CA SER A 444 10.46 0.98 -33.96
C SER A 444 10.33 2.38 -34.54
N ILE A 446 10.34 5.23 -32.53
CA ILE A 446 10.83 6.23 -31.59
C ILE A 446 12.06 7.01 -32.08
N ASP A 447 13.11 6.31 -32.50
CA ASP A 447 14.38 6.98 -32.82
C ASP A 447 14.26 8.06 -33.90
N ARG A 448 13.42 7.82 -34.91
CA ARG A 448 13.36 8.77 -36.03
C ARG A 448 12.72 10.09 -35.61
N ARG A 449 12.03 10.07 -34.47
CA ARG A 449 11.47 11.29 -33.87
C ARG A 449 12.47 11.93 -32.91
N VAL A 450 13.13 11.10 -32.11
CA VAL A 450 14.04 11.59 -31.08
C VAL A 450 15.32 12.21 -31.65
N PHE A 451 15.93 11.53 -32.62
CA PHE A 451 17.18 12.01 -33.24
C PHE A 451 16.95 12.59 -34.62
N PRO A 452 17.64 13.68 -34.97
CA PRO A 452 18.70 14.35 -34.20
C PRO A 452 18.23 15.48 -33.30
N ARG A 453 16.94 15.78 -33.23
CA ARG A 453 16.55 16.98 -32.50
C ARG A 453 16.88 16.94 -31.00
N ILE A 454 16.94 15.76 -30.41
CA ILE A 454 17.34 15.69 -28.99
C ILE A 454 18.77 16.21 -28.76
N LEU A 455 19.59 16.20 -29.80
CA LEU A 455 20.96 16.66 -29.61
C LEU A 455 20.97 18.16 -29.38
N ALA A 456 20.03 18.87 -30.00
CA ALA A 456 19.95 20.32 -29.80
C ALA A 456 19.46 20.62 -28.40
N LEU A 457 18.52 19.81 -27.93
CA LEU A 457 18.03 19.96 -26.56
C LEU A 457 19.12 19.65 -25.54
N ALA A 458 19.87 18.57 -25.76
CA ALA A 458 21.00 18.24 -24.87
C ALA A 458 22.04 19.32 -24.85
N GLU A 459 22.29 19.93 -26.01
CA GLU A 459 23.27 21.02 -26.09
C GLU A 459 22.79 22.23 -25.28
N GLN A 460 21.51 22.56 -25.41
CA GLN A 460 20.94 23.69 -24.67
C GLN A 460 20.95 23.44 -23.17
N TRP A 462 23.13 21.37 -21.49
CA TRP A 462 24.47 21.20 -20.90
C TRP A 462 25.45 22.33 -21.20
N HIS A 463 25.59 22.67 -22.47
CA HIS A 463 26.65 23.58 -22.91
C HIS A 463 26.44 24.98 -22.33
N SER A 464 27.53 25.61 -21.90
CA SER A 464 27.52 26.99 -21.42
CA SER A 464 27.49 26.99 -21.42
C SER A 464 26.92 27.91 -22.50
N GLY A 465 26.37 29.04 -22.08
CA GLY A 465 25.79 29.98 -23.02
C GLY A 465 26.84 30.79 -23.76
N ASN A 466 27.71 30.09 -24.51
CA ASN A 466 28.74 30.71 -25.35
C ASN A 466 28.29 30.62 -26.80
N PRO A 467 28.80 31.51 -27.65
CA PRO A 467 28.35 31.51 -29.04
C PRO A 467 28.62 30.19 -29.77
N GLU A 468 27.60 29.72 -30.50
CA GLU A 468 27.70 28.55 -31.36
C GLU A 468 26.54 28.63 -32.34
N ASN A 469 26.81 28.94 -33.60
CA ASN A 469 25.71 29.12 -34.54
C ASN A 469 25.20 27.79 -35.07
N PHE A 470 24.09 27.83 -35.80
CA PHE A 470 23.45 26.59 -36.22
C PHE A 470 24.36 25.83 -37.18
N ASP A 471 25.07 26.56 -38.03
CA ASP A 471 25.90 25.91 -39.03
C ASP A 471 26.98 25.09 -38.32
N GLU A 472 27.58 25.66 -37.26
CA GLU A 472 28.60 24.92 -36.52
C GLU A 472 28.00 23.72 -35.78
N PHE A 473 26.87 23.95 -35.13
CA PHE A 473 26.21 22.88 -34.40
C PHE A 473 25.78 21.74 -35.32
N TYR A 474 25.15 22.09 -36.45
CA TYR A 474 24.70 21.07 -37.39
C TYR A 474 25.88 20.28 -37.98
N GLY A 475 27.01 20.96 -38.21
CA GLY A 475 28.20 20.28 -38.68
C GLY A 475 28.66 19.23 -37.68
N LYS A 476 28.55 19.54 -36.39
CA LYS A 476 28.93 18.60 -35.34
C LYS A 476 27.98 17.40 -35.32
N VAL A 477 26.68 17.69 -35.44
CA VAL A 477 25.67 16.61 -35.52
C VAL A 477 26.00 15.65 -36.65
N LEU A 478 26.28 16.18 -37.83
CA LEU A 478 26.56 15.31 -38.97
C LEU A 478 27.87 14.52 -38.79
N SER A 479 28.86 15.14 -38.14
CA SER A 479 30.16 14.51 -37.94
C SER A 479 30.11 13.39 -36.89
N LYS A 480 29.16 13.50 -35.97
CA LYS A 480 29.05 12.52 -34.91
C LYS A 480 27.99 11.46 -35.23
N GLN A 481 27.23 11.67 -36.29
CA GLN A 481 26.07 10.83 -36.59
C GLN A 481 26.36 9.33 -36.61
N LEU A 482 27.37 8.91 -37.36
CA LEU A 482 27.62 7.48 -37.47
C LEU A 482 28.02 6.89 -36.12
N TRP A 483 28.78 7.64 -35.31
CA TRP A 483 29.11 7.16 -33.96
C TRP A 483 27.83 6.93 -33.13
N PHE A 484 26.89 7.85 -33.20
CA PHE A 484 25.64 7.67 -32.47
C PHE A 484 24.89 6.48 -33.01
N GLU A 485 24.92 6.29 -34.32
CA GLU A 485 24.23 5.14 -34.90
C GLU A 485 24.85 3.84 -34.43
N GLN A 486 26.17 3.82 -34.25
CA GLN A 486 26.85 2.63 -33.78
C GLN A 486 26.51 2.32 -32.32
N GLN A 487 25.99 3.29 -31.60
CA GLN A 487 25.54 3.06 -30.22
C GLN A 487 24.09 2.59 -30.20
N GLY A 488 23.46 2.52 -31.37
CA GLY A 488 22.12 1.98 -31.51
C GLY A 488 21.02 2.98 -31.79
N TYR A 489 21.40 4.23 -32.05
CA TYR A 489 20.39 5.29 -32.24
C TYR A 489 20.28 5.72 -33.70
N SER A 490 19.19 5.30 -34.34
CA SER A 490 18.91 5.68 -35.73
C SER A 490 18.48 7.15 -35.80
N PHE A 491 18.88 7.85 -36.85
CA PHE A 491 18.49 9.25 -37.03
C PHE A 491 17.28 9.40 -37.95
N GLY A 492 16.36 10.30 -37.59
CA GLY A 492 15.34 10.73 -38.53
C GLY A 492 15.85 11.96 -39.28
N PRO A 493 14.96 12.64 -40.05
CA PRO A 493 15.40 13.83 -40.80
C PRO A 493 15.69 15.01 -39.88
N ALA A 494 16.65 15.85 -40.27
CA ALA A 494 17.06 16.97 -39.42
C ALA A 494 16.33 18.25 -39.81
N LEU A 495 16.32 18.52 -41.11
CA LEU A 495 15.67 19.72 -41.62
C LEU A 495 14.42 19.33 -42.38
N LYS A 496 13.46 20.26 -42.42
CA LYS A 496 12.19 19.99 -43.07
C LYS A 496 12.42 19.47 -44.49
N GLU A 497 13.44 20.01 -45.15
CA GLU A 497 13.82 19.61 -46.50
C GLU A 497 14.28 18.15 -46.60
N ASP A 498 14.95 17.67 -45.55
CA ASP A 498 15.39 16.27 -45.47
C ASP A 498 14.21 15.31 -45.51
N ALA A 499 13.05 15.77 -45.03
CA ALA A 499 11.89 14.88 -44.87
C ALA A 499 11.18 14.65 -46.20
N GLY A 500 11.32 15.58 -47.13
CA GLY A 500 10.66 15.47 -48.41
C GLY A 500 9.16 15.55 -48.27
N THR A 501 8.45 15.00 -49.26
CA THR A 501 7.01 15.15 -49.35
C THR A 501 6.24 14.00 -48.70
N ASN A 502 6.82 12.80 -48.73
CA ASN A 502 6.17 11.63 -48.15
C ASN A 502 7.09 10.84 -47.23
N TYR A 503 7.65 11.49 -46.21
CA TYR A 503 8.46 10.77 -45.23
C TYR A 503 7.63 9.74 -44.48
N LYS A 504 8.20 8.57 -44.25
CA LYS A 504 7.50 7.49 -43.57
C LYS A 504 7.66 7.62 -42.06
N TRP A 505 6.62 8.09 -41.38
CA TRP A 505 6.72 8.29 -39.92
C TRP A 505 6.26 7.05 -39.15
N ASP A 506 5.76 6.06 -39.88
CA ASP A 506 5.31 4.84 -39.26
C ASP A 506 5.94 3.58 -39.87
N GLY B 8 -16.99 -7.25 -8.40
CA GLY B 8 -17.02 -7.34 -6.96
C GLY B 8 -18.41 -7.59 -6.41
N GLN B 9 -19.31 -8.06 -7.29
CA GLN B 9 -20.69 -8.35 -6.90
C GLN B 9 -20.75 -9.69 -6.20
N ILE B 10 -20.09 -9.77 -5.05
CA ILE B 10 -20.06 -10.97 -4.25
C ILE B 10 -20.21 -10.56 -2.78
N ILE B 11 -20.47 -11.54 -1.93
CA ILE B 11 -20.55 -11.31 -0.49
C ILE B 11 -19.49 -12.18 0.16
N PRO B 13 -18.14 -13.38 4.13
CA PRO B 13 -17.76 -14.71 3.66
C PRO B 13 -18.81 -15.27 2.70
N THR B 14 -18.41 -16.23 1.88
CA THR B 14 -19.26 -16.71 0.80
C THR B 14 -20.52 -17.33 1.36
N PRO B 15 -21.70 -16.93 0.85
CA PRO B 15 -22.93 -17.58 1.29
C PRO B 15 -23.00 -19.03 0.83
N GLY B 16 -23.77 -19.83 1.56
CA GLY B 16 -23.89 -21.25 1.24
C GLY B 16 -24.57 -21.48 -0.10
N LYS B 17 -25.59 -20.68 -0.38
CA LYS B 17 -26.30 -20.80 -1.66
C LYS B 17 -26.71 -19.42 -2.16
N ILE B 18 -26.31 -19.08 -3.37
CA ILE B 18 -26.70 -17.79 -3.94
C ILE B 18 -27.01 -17.98 -5.40
N GLU B 19 -28.24 -17.65 -5.78
CA GLU B 19 -28.68 -17.84 -7.15
C GLU B 19 -29.24 -16.54 -7.69
N ARG B 20 -28.53 -15.96 -8.65
CA ARG B 20 -28.94 -14.69 -9.22
C ARG B 20 -30.11 -14.86 -10.17
N ALA B 21 -30.90 -13.80 -10.32
CA ALA B 21 -32.02 -13.79 -11.25
C ALA B 21 -31.97 -12.49 -12.03
N ASP B 22 -32.68 -12.44 -13.16
CA ASP B 22 -32.63 -11.24 -13.99
C ASP B 22 -33.25 -10.03 -13.29
N GLY B 23 -32.69 -8.86 -13.56
CA GLY B 23 -33.27 -7.62 -13.08
C GLY B 23 -32.62 -7.09 -11.82
N ARG B 24 -33.16 -5.98 -11.33
CA ARG B 24 -32.67 -5.37 -10.10
C ARG B 24 -33.78 -4.59 -9.42
N LEU B 25 -33.63 -4.37 -8.13
CA LEU B 25 -34.56 -3.54 -7.39
C LEU B 25 -33.85 -2.28 -6.96
N ARG B 26 -34.40 -1.14 -7.36
CA ARG B 26 -33.83 0.15 -7.00
C ARG B 26 -34.66 0.77 -5.89
N LEU B 27 -34.01 1.09 -4.78
CA LEU B 27 -34.70 1.70 -3.65
C LEU B 27 -34.13 3.09 -3.40
N GLN B 28 -34.87 4.11 -3.81
CA GLN B 28 -34.48 5.49 -3.59
C GLN B 28 -35.65 6.27 -2.99
N GLY B 29 -35.35 7.13 -2.02
CA GLY B 29 -36.38 7.89 -1.34
C GLY B 29 -36.88 7.20 -0.09
N LYS B 30 -38.13 7.47 0.26
CA LYS B 30 -38.78 6.79 1.38
C LYS B 30 -38.78 5.29 1.12
N ILE B 31 -38.42 4.50 2.12
CA ILE B 31 -38.49 3.07 1.98
C ILE B 31 -39.50 2.48 2.97
N ARG B 32 -40.55 1.87 2.43
CA ARG B 32 -41.58 1.26 3.25
C ARG B 32 -41.17 -0.14 3.66
N TYR B 34 -41.92 -3.66 6.44
CA TYR B 34 -42.87 -4.40 7.27
C TYR B 34 -42.09 -5.41 8.09
N ALA B 35 -42.44 -5.55 9.37
CA ALA B 35 -41.78 -6.56 10.19
C ALA B 35 -42.83 -7.38 10.91
N GLU B 36 -42.67 -8.70 10.87
CA GLU B 36 -43.63 -9.62 11.48
C GLU B 36 -43.64 -9.46 13.00
N GLU B 37 -42.45 -9.32 13.57
CA GLU B 37 -42.29 -9.08 15.00
C GLU B 37 -41.51 -7.79 15.19
N SER B 38 -41.50 -7.27 16.43
CA SER B 38 -40.71 -6.08 16.75
C SER B 38 -39.29 -6.17 16.23
N PRO B 39 -38.90 -5.21 15.39
CA PRO B 39 -37.60 -5.21 14.72
C PRO B 39 -36.49 -4.58 15.57
N GLY B 40 -36.84 -4.11 16.78
CA GLY B 40 -35.89 -3.41 17.63
C GLY B 40 -34.54 -4.06 17.86
N SER B 41 -34.47 -5.39 17.87
CA SER B 41 -33.22 -6.05 18.24
C SER B 41 -32.21 -6.15 17.10
N PHE B 42 -32.69 -5.99 15.86
CA PHE B 42 -31.79 -6.03 14.71
C PHE B 42 -31.82 -4.76 13.88
N ILE B 43 -32.80 -3.89 14.13
CA ILE B 43 -33.04 -2.77 13.22
C ILE B 43 -31.99 -1.66 13.24
N ARG B 44 -31.43 -1.37 14.42
CA ARG B 44 -30.47 -0.28 14.54
C ARG B 44 -29.28 -0.44 13.61
N LEU B 45 -28.86 -1.68 13.41
CA LEU B 45 -27.78 -1.95 12.47
C LEU B 45 -28.19 -1.59 11.04
N PHE B 46 -29.45 -1.85 10.71
CA PHE B 46 -29.98 -1.49 9.40
C PHE B 46 -29.98 0.03 9.22
N TYR B 47 -30.37 0.76 10.25
CA TYR B 47 -30.44 2.22 10.18
C TYR B 47 -29.04 2.83 10.01
N GLU B 48 -28.07 2.17 10.64
CA GLU B 48 -26.70 2.65 10.65
C GLU B 48 -25.99 2.37 9.32
N LYS B 49 -26.29 1.22 8.73
CA LYS B 49 -25.53 0.71 7.58
C LYS B 49 -26.22 0.85 6.22
N LEU B 50 -27.56 0.90 6.21
CA LEU B 50 -28.30 0.87 4.93
C LEU B 50 -29.20 2.07 4.67
N VAL B 51 -30.22 2.27 5.50
CA VAL B 51 -31.14 3.39 5.35
C VAL B 51 -31.42 4.02 6.69
N PRO B 52 -31.19 5.34 6.83
CA PRO B 52 -31.47 6.03 8.11
C PRO B 52 -32.92 5.90 8.50
N GLU B 53 -33.20 5.85 9.80
CA GLU B 53 -34.58 5.74 10.28
C GLU B 53 -35.45 6.88 9.73
N SER B 54 -34.83 8.03 9.52
CA SER B 54 -35.55 9.19 8.97
C SER B 54 -36.15 8.91 7.59
N ALA B 55 -35.58 7.93 6.89
CA ALA B 55 -36.01 7.60 5.53
C ALA B 55 -36.83 6.32 5.46
N VAL B 56 -37.19 5.76 6.62
CA VAL B 56 -37.96 4.52 6.69
C VAL B 56 -39.40 4.80 7.12
N GLU B 57 -40.35 4.20 6.40
CA GLU B 57 -41.76 4.27 6.78
C GLU B 57 -42.24 2.85 7.11
N TRP B 58 -42.63 2.62 8.36
CA TRP B 58 -43.09 1.30 8.77
C TRP B 58 -44.53 1.09 8.38
N CYS B 59 -44.81 -0.04 7.73
CA CYS B 59 -46.13 -0.35 7.19
C CYS B 59 -46.89 -1.37 8.01
N LYS B 60 -48.20 -1.18 8.13
CA LYS B 60 -49.06 -2.16 8.77
C LYS B 60 -49.30 -3.33 7.82
N GLU B 61 -49.45 -3.02 6.54
CA GLU B 61 -49.73 -4.04 5.52
C GLU B 61 -48.47 -4.42 4.72
N GLU B 62 -48.09 -5.69 4.79
CA GLU B 62 -46.88 -6.15 4.13
C GLU B 62 -46.89 -5.91 2.61
N VAL B 63 -48.06 -6.02 1.99
CA VAL B 63 -48.14 -5.91 0.54
C VAL B 63 -47.66 -4.54 0.05
N ASN B 64 -47.76 -3.53 0.91
CA ASN B 64 -47.35 -2.17 0.55
C ASN B 64 -45.90 -1.85 0.89
N SER B 65 -45.19 -2.84 1.42
CA SER B 65 -43.78 -2.62 1.77
C SER B 65 -42.83 -2.95 0.63
N HIS B 66 -41.64 -2.36 0.68
CA HIS B 66 -40.53 -2.69 -0.21
C HIS B 66 -39.66 -3.78 0.40
N ILE B 67 -39.59 -3.80 1.72
CA ILE B 67 -38.77 -4.79 2.43
C ILE B 67 -39.58 -5.40 3.57
N SER B 68 -39.61 -6.73 3.61
CA SER B 68 -40.31 -7.48 4.64
C SER B 68 -39.30 -8.25 5.49
N TRP B 69 -39.51 -8.24 6.80
CA TRP B 69 -38.65 -8.98 7.73
C TRP B 69 -39.54 -10.03 8.40
N LYS B 70 -39.36 -11.28 8.01
CA LYS B 70 -40.29 -12.33 8.38
C LYS B 70 -39.58 -13.47 9.09
N LYS B 71 -40.28 -14.12 10.01
CA LYS B 71 -39.70 -15.28 10.67
C LYS B 71 -39.96 -16.55 9.88
N ASP B 72 -38.93 -17.38 9.72
CA ASP B 72 -39.07 -18.72 9.13
C ASP B 72 -38.50 -19.70 10.14
N VAL B 73 -39.36 -20.38 10.88
CA VAL B 73 -38.91 -21.27 11.94
C VAL B 73 -38.20 -22.51 11.42
N THR B 74 -38.24 -22.74 10.10
CA THR B 74 -37.60 -23.91 9.52
C THR B 74 -36.11 -23.70 9.22
N LEU B 75 -35.64 -22.44 9.32
CA LEU B 75 -34.22 -22.13 9.10
C LEU B 75 -33.41 -22.53 10.33
N PRO B 76 -32.14 -22.91 10.13
CA PRO B 76 -31.31 -23.22 11.30
C PRO B 76 -30.94 -21.96 12.08
N THR B 77 -30.43 -22.15 13.29
CA THR B 77 -29.97 -21.05 14.11
C THR B 77 -28.98 -20.21 13.32
N GLU B 78 -29.14 -18.90 13.41
CA GLU B 78 -28.32 -17.91 12.72
C GLU B 78 -28.49 -17.88 11.22
N GLY B 79 -29.41 -18.70 10.69
CA GLY B 79 -29.61 -18.75 9.25
C GLY B 79 -30.57 -17.70 8.73
N TYR B 80 -30.51 -17.42 7.44
CA TYR B 80 -31.41 -16.43 6.85
C TYR B 80 -31.65 -16.75 5.39
N ARG B 81 -32.67 -16.13 4.82
CA ARG B 81 -32.91 -16.23 3.40
C ARG B 81 -33.21 -14.83 2.92
N ILE B 82 -32.64 -14.45 1.78
CA ILE B 82 -32.97 -13.17 1.17
C ILE B 82 -33.51 -13.45 -0.22
N ARG B 83 -34.67 -12.90 -0.55
CA ARG B 83 -35.15 -12.93 -1.93
C ARG B 83 -35.32 -11.49 -2.40
N VAL B 84 -34.54 -11.10 -3.40
CA VAL B 84 -34.72 -9.80 -4.04
C VAL B 84 -35.43 -10.03 -5.36
N THR B 85 -36.62 -9.44 -5.53
CA THR B 85 -37.37 -9.52 -6.77
C THR B 85 -37.48 -8.10 -7.31
N PRO B 86 -37.99 -7.94 -8.55
CA PRO B 86 -38.12 -6.56 -9.05
C PRO B 86 -39.14 -5.72 -8.26
N GLU B 87 -39.93 -6.37 -7.41
CA GLU B 87 -40.96 -5.67 -6.65
C GLU B 87 -40.58 -5.37 -5.19
N ARG B 88 -39.82 -6.26 -4.56
CA ARG B 88 -39.59 -6.16 -3.12
C ARG B 88 -38.46 -7.07 -2.67
N ILE B 89 -38.03 -6.88 -1.42
CA ILE B 89 -37.10 -7.79 -0.77
C ILE B 89 -37.84 -8.49 0.35
N ILE B 90 -37.72 -9.82 0.40
CA ILE B 90 -38.20 -10.56 1.55
C ILE B 90 -37.03 -11.17 2.29
N VAL B 91 -36.87 -10.78 3.54
CA VAL B 91 -35.81 -11.30 4.38
C VAL B 91 -36.44 -12.20 5.43
N GLU B 92 -35.94 -13.44 5.51
CA GLU B 92 -36.43 -14.39 6.51
C GLU B 92 -35.29 -14.85 7.41
N ALA B 93 -35.60 -15.11 8.68
CA ALA B 93 -34.60 -15.59 9.65
C ALA B 93 -35.33 -16.37 10.73
N ALA B 94 -34.61 -17.27 11.40
CA ALA B 94 -35.20 -17.98 12.53
C ALA B 94 -35.03 -17.21 13.82
N ASP B 95 -34.08 -16.28 13.84
CA ASP B 95 -33.77 -15.52 15.06
C ASP B 95 -33.12 -14.19 14.70
N ASP B 96 -32.90 -13.34 15.69
CA ASP B 96 -32.32 -12.01 15.44
C ASP B 96 -30.94 -12.07 14.80
N ALA B 97 -30.14 -13.08 15.17
CA ALA B 97 -28.81 -13.21 14.56
C ALA B 97 -28.93 -13.36 13.04
N GLY B 98 -29.90 -14.15 12.60
CA GLY B 98 -30.13 -14.33 11.18
C GLY B 98 -30.44 -13.02 10.47
N PHE B 99 -31.27 -12.19 11.08
CA PHE B 99 -31.60 -10.89 10.48
C PHE B 99 -30.36 -10.02 10.42
N ILE B 100 -29.55 -10.08 11.44
CA ILE B 100 -28.30 -9.30 11.45
C ILE B 100 -27.37 -9.75 10.32
N TYR B 101 -27.23 -11.05 10.14
CA TYR B 101 -26.36 -11.52 9.08
C TYR B 101 -26.96 -11.23 7.69
N ALA B 102 -28.28 -11.25 7.58
CA ALA B 102 -28.92 -10.82 6.33
C ALA B 102 -28.57 -9.37 6.02
N ILE B 103 -28.60 -8.53 7.05
CA ILE B 103 -28.25 -7.13 6.89
C ILE B 103 -26.80 -7.00 6.40
N GLN B 104 -25.90 -7.80 6.97
CA GLN B 104 -24.51 -7.79 6.51
C GLN B 104 -24.39 -8.20 5.05
N SER B 105 -25.21 -9.15 4.61
CA SER B 105 -25.20 -9.51 3.20
C SER B 105 -25.77 -8.41 2.31
N LEU B 106 -26.86 -7.78 2.74
CA LEU B 106 -27.43 -6.69 1.95
C LEU B 106 -26.44 -5.53 1.79
N ARG B 107 -25.67 -5.26 2.83
CA ARG B 107 -24.65 -4.22 2.78
C ARG B 107 -23.71 -4.43 1.61
N GLN B 108 -23.30 -5.68 1.41
CA GLN B 108 -22.34 -6.02 0.38
C GLN B 108 -22.97 -6.23 -0.99
N TRP B 109 -24.27 -6.55 -0.99
CA TRP B 109 -25.02 -6.86 -2.22
C TRP B 109 -25.41 -5.59 -2.97
N ASN B 110 -25.62 -4.51 -2.24
CA ASN B 110 -25.89 -3.21 -2.84
C ASN B 110 -24.78 -2.84 -3.83
N THR B 111 -25.15 -2.49 -5.06
CA THR B 111 -24.13 -2.29 -6.09
C THR B 111 -23.30 -1.02 -5.89
N GLY B 112 -23.90 -0.01 -5.27
CA GLY B 112 -23.24 1.27 -5.11
C GLY B 112 -23.10 1.97 -6.44
N GLU B 113 -23.83 1.48 -7.45
CA GLU B 113 -23.79 2.04 -8.80
C GLU B 113 -24.33 3.47 -8.82
N GLU B 114 -25.27 3.76 -7.92
CA GLU B 114 -25.90 5.06 -7.86
C GLU B 114 -26.17 5.43 -6.40
N ARG B 115 -26.84 6.56 -6.19
CA ARG B 115 -27.32 6.92 -4.87
C ARG B 115 -28.43 5.95 -4.47
N GLY B 116 -28.77 5.92 -3.19
CA GLY B 116 -29.78 5.00 -2.70
C GLY B 116 -29.28 3.58 -2.77
N LEU B 117 -30.21 2.62 -2.83
CA LEU B 117 -29.84 1.21 -2.87
C LEU B 117 -30.21 0.58 -4.20
N ILE B 118 -29.32 -0.27 -4.72
CA ILE B 118 -29.62 -1.05 -5.91
C ILE B 118 -29.24 -2.50 -5.66
N PHE B 119 -30.23 -3.39 -5.67
CA PHE B 119 -29.99 -4.80 -5.41
C PHE B 119 -30.32 -5.64 -6.63
N PRO B 120 -29.32 -6.35 -7.19
CA PRO B 120 -29.66 -7.28 -8.26
C PRO B 120 -30.55 -8.40 -7.73
N CYS B 121 -31.49 -8.86 -8.54
CA CYS B 121 -32.39 -9.91 -8.09
C CYS B 121 -31.61 -11.16 -7.76
N VAL B 122 -32.04 -11.86 -6.71
CA VAL B 122 -31.24 -12.94 -6.17
C VAL B 122 -32.07 -13.70 -5.17
N GLU B 123 -31.70 -14.96 -4.95
CA GLU B 123 -32.13 -15.67 -3.76
C GLU B 123 -30.90 -16.20 -3.05
N ILE B 124 -30.76 -15.82 -1.80
CA ILE B 124 -29.63 -16.27 -0.99
C ILE B 124 -30.17 -17.06 0.21
N THR B 125 -29.64 -18.26 0.44
CA THR B 125 -29.99 -19.03 1.63
C THR B 125 -28.68 -19.34 2.31
N ASP B 126 -28.57 -19.03 3.60
CA ASP B 126 -27.24 -18.98 4.18
C ASP B 126 -27.29 -19.30 5.68
N PHE B 127 -26.27 -19.99 6.16
CA PHE B 127 -26.14 -20.30 7.59
C PHE B 127 -24.72 -20.74 7.90
N PRO B 128 -24.30 -20.63 9.18
CA PRO B 128 -22.88 -20.85 9.47
C PRO B 128 -22.45 -22.31 9.55
N ARG B 129 -21.24 -22.59 9.06
CA ARG B 129 -20.66 -23.91 9.18
C ARG B 129 -20.44 -24.36 10.62
N VAL B 130 -19.92 -23.47 11.47
CA VAL B 130 -19.68 -23.81 12.86
C VAL B 130 -20.33 -22.80 13.80
N LYS B 131 -20.62 -23.24 15.03
CA LYS B 131 -21.39 -22.45 16.00
C LYS B 131 -20.59 -21.38 16.72
N TRP B 132 -19.28 -21.58 16.82
CA TRP B 132 -18.40 -20.63 17.50
C TRP B 132 -17.48 -19.97 16.47
N ARG B 133 -17.64 -18.64 16.32
CA ARG B 133 -16.88 -17.86 15.35
C ARG B 133 -16.42 -16.58 16.04
N SER B 134 -15.15 -16.47 16.41
CA SER B 134 -14.77 -15.36 17.30
C SER B 134 -13.53 -14.61 16.86
N PHE B 135 -13.40 -13.38 17.35
CA PHE B 135 -12.20 -12.58 17.18
C PHE B 135 -11.82 -12.08 18.54
N LEU B 137 -9.30 -9.50 20.86
CA LEU B 137 -8.37 -8.37 20.89
C LEU B 137 -7.72 -8.30 22.25
N ASP B 138 -6.40 -8.14 22.27
CA ASP B 138 -5.59 -8.00 23.49
C ASP B 138 -5.64 -6.56 23.96
N SER B 139 -6.52 -6.29 24.91
CA SER B 139 -6.61 -4.98 25.52
C SER B 139 -5.94 -5.02 26.89
N GLY B 140 -5.05 -5.98 27.10
CA GLY B 140 -4.30 -6.02 28.35
C GLY B 140 -2.97 -5.33 28.18
N ARG B 141 -2.22 -5.72 27.15
CA ARG B 141 -0.91 -5.13 26.90
C ARG B 141 -1.01 -3.70 26.39
N GLN B 142 -2.11 -3.41 25.70
CA GLN B 142 -2.32 -2.11 25.09
C GLN B 142 -3.74 -1.67 25.39
N TYR B 143 -3.94 -0.38 25.56
CA TYR B 143 -5.29 0.15 25.71
C TYR B 143 -5.77 0.67 24.36
N GLN B 144 -6.96 0.24 23.95
CA GLN B 144 -7.63 0.83 22.77
C GLN B 144 -8.82 1.67 23.19
N LYS B 145 -8.95 2.85 22.59
CA LYS B 145 -10.12 3.71 22.83
C LYS B 145 -11.44 2.97 22.59
N VAL B 146 -12.49 3.40 23.27
CA VAL B 146 -13.80 2.73 23.14
C VAL B 146 -14.25 2.68 21.68
N SER B 147 -14.03 3.77 20.93
CA SER B 147 -14.42 3.75 19.50
C SER B 147 -13.66 2.71 18.70
N THR B 148 -12.44 2.40 19.13
CA THR B 148 -11.65 1.37 18.46
C THR B 148 -12.12 -0.04 18.83
N ILE B 149 -12.47 -0.24 20.09
CA ILE B 149 -13.09 -1.50 20.48
C ILE B 149 -14.35 -1.74 19.62
N LYS B 150 -15.17 -0.70 19.48
CA LYS B 150 -16.37 -0.80 18.64
C LYS B 150 -16.05 -1.11 17.19
N LYS B 151 -14.97 -0.53 16.66
CA LYS B 151 -14.56 -0.80 15.28
C LYS B 151 -14.36 -2.29 15.05
N TYR B 152 -13.75 -2.97 16.00
CA TYR B 152 -13.47 -4.40 15.81
C TYR B 152 -14.64 -5.30 16.12
N ILE B 153 -15.53 -4.84 17.00
CA ILE B 153 -16.79 -5.54 17.19
C ILE B 153 -17.63 -5.43 15.91
N ASP B 154 -17.64 -4.23 15.34
CA ASP B 154 -18.33 -3.99 14.07
C ASP B 154 -17.72 -4.86 12.96
N ALA B 156 -16.20 -7.77 13.38
CA ALA B 156 -16.60 -9.15 13.64
C ALA B 156 -18.00 -9.44 13.07
N SER B 157 -18.93 -8.53 13.34
CA SER B 157 -20.29 -8.70 12.81
C SER B 157 -20.31 -8.68 11.29
N LEU B 159 -18.18 -9.70 9.30
CA LEU B 159 -17.63 -10.96 8.77
C LEU B 159 -18.44 -12.16 9.27
N LYS B 160 -19.60 -11.86 9.87
CA LYS B 160 -20.57 -12.86 10.34
C LYS B 160 -20.08 -13.72 11.49
N ASN B 162 -19.73 -14.36 15.71
CA ASN B 162 -20.74 -14.16 16.75
C ASN B 162 -20.18 -13.89 18.13
N TYR B 163 -18.85 -13.96 18.28
CA TYR B 163 -18.23 -13.67 19.59
C TYR B 163 -17.06 -12.71 19.44
N PHE B 164 -16.95 -11.78 20.39
CA PHE B 164 -15.79 -10.92 20.49
C PHE B 164 -15.16 -11.26 21.84
N HIS B 165 -13.93 -11.79 21.81
CA HIS B 165 -13.25 -12.27 23.00
C HIS B 165 -12.35 -11.11 23.45
N TRP B 166 -12.62 -10.57 24.63
CA TRP B 166 -11.96 -9.34 25.06
C TRP B 166 -10.97 -9.68 26.16
N HIS B 167 -9.69 -9.65 25.81
CA HIS B 167 -8.61 -10.05 26.68
C HIS B 167 -8.26 -8.78 27.47
N LEU B 168 -8.79 -8.72 28.69
CA LEU B 168 -8.84 -7.47 29.47
C LEU B 168 -7.78 -7.34 30.54
N THR B 169 -7.07 -8.43 30.82
CA THR B 169 -6.13 -8.41 31.93
C THR B 169 -4.83 -9.09 31.54
N GLU B 170 -3.74 -8.46 31.89
CA GLU B 170 -2.41 -8.93 31.54
C GLU B 170 -1.44 -8.46 32.58
N GLY B 171 -0.19 -8.91 32.49
CA GLY B 171 0.82 -8.44 33.43
C GLY B 171 1.03 -6.94 33.29
N LEU B 172 0.85 -6.47 32.05
CA LEU B 172 1.09 -5.08 31.67
C LEU B 172 -0.12 -4.18 31.81
N GLY B 173 -1.24 -4.73 32.29
CA GLY B 173 -2.43 -3.92 32.44
C GLY B 173 -3.69 -4.66 32.80
N TRP B 174 -4.32 -4.20 33.86
CA TRP B 174 -5.63 -4.70 34.22
C TRP B 174 -6.61 -3.62 33.81
N ARG B 175 -7.48 -3.92 32.84
CA ARG B 175 -8.29 -2.86 32.27
C ARG B 175 -9.78 -2.93 32.50
N ILE B 176 -10.22 -3.89 33.32
CA ILE B 176 -11.65 -4.00 33.58
C ILE B 176 -11.98 -3.50 34.98
N GLU B 177 -12.79 -2.44 35.05
CA GLU B 177 -13.14 -1.84 36.34
C GLU B 177 -13.90 -2.81 37.24
N ILE B 178 -13.42 -2.98 38.47
CA ILE B 178 -14.08 -3.80 39.47
C ILE B 178 -14.34 -2.87 40.64
N LYS B 179 -15.61 -2.57 40.93
CA LYS B 179 -15.95 -1.52 41.90
C LYS B 179 -15.49 -1.89 43.31
N ARG B 180 -15.49 -3.18 43.62
CA ARG B 180 -15.07 -3.62 44.94
CA ARG B 180 -15.07 -3.62 44.94
C ARG B 180 -13.58 -3.41 45.18
N TYR B 181 -12.79 -3.54 44.12
CA TYR B 181 -11.33 -3.44 44.22
C TYR B 181 -10.79 -2.37 43.27
N PRO B 182 -10.96 -1.10 43.66
CA PRO B 182 -10.64 0.04 42.78
C PRO B 182 -9.20 0.07 42.32
N PHE B 183 -8.26 -0.46 43.09
CA PHE B 183 -6.84 -0.39 42.72
C PHE B 183 -6.53 -1.21 41.46
N LEU B 184 -7.34 -2.23 41.20
CA LEU B 184 -7.10 -3.06 40.01
C LEU B 184 -6.96 -2.19 38.75
N THR B 185 -7.82 -1.19 38.60
CA THR B 185 -7.69 -0.26 37.47
C THR B 185 -6.93 1.02 37.83
N ARG B 186 -7.21 1.60 39.00
CA ARG B 186 -6.59 2.88 39.35
C ARG B 186 -5.07 2.79 39.42
N ILE B 187 -4.58 1.61 39.79
CA ILE B 187 -3.14 1.35 39.78
C ILE B 187 -2.76 0.47 38.58
N GLY B 188 -3.51 -0.62 38.41
CA GLY B 188 -3.12 -1.64 37.45
C GLY B 188 -3.35 -1.32 35.99
N ALA B 189 -4.10 -0.27 35.69
CA ALA B 189 -4.29 0.12 34.29
C ALA B 189 -3.30 1.19 33.85
N PHE B 190 -2.33 1.50 34.72
CA PHE B 190 -1.38 2.57 34.47
C PHE B 190 0.05 2.13 34.73
N VAL B 191 0.26 0.82 34.87
CA VAL B 191 1.60 0.28 35.13
C VAL B 191 2.48 0.26 33.87
N GLY B 192 1.84 0.15 32.71
CA GLY B 192 2.56 0.13 31.45
C GLY B 192 3.09 1.52 31.11
N GLN B 193 4.33 1.57 30.63
CA GLN B 193 5.01 2.84 30.41
C GLN B 193 5.12 3.24 28.95
N GLY B 194 4.71 2.37 28.03
CA GLY B 194 4.85 2.68 26.63
C GLY B 194 3.63 3.35 26.03
N PRO B 195 3.70 3.69 24.75
CA PRO B 195 2.61 4.37 24.03
C PRO B 195 1.32 3.60 24.11
N GLU B 196 0.24 4.28 24.53
CA GLU B 196 -1.09 3.69 24.55
C GLU B 196 -1.19 2.52 25.53
N GLN B 197 -0.40 2.55 26.60
CA GLN B 197 -0.48 1.47 27.60
C GLN B 197 -1.23 1.88 28.86
N GLN B 198 -1.81 3.07 28.85
CA GLN B 198 -2.53 3.58 30.03
C GLN B 198 -4.01 3.73 29.75
N GLY B 199 -4.85 3.30 30.69
CA GLY B 199 -6.28 3.50 30.55
C GLY B 199 -7.07 2.24 30.87
N PHE B 200 -8.36 2.40 31.19
CA PHE B 200 -9.19 1.24 31.45
C PHE B 200 -10.62 1.47 31.00
N TYR B 201 -11.40 0.39 31.05
CA TYR B 201 -12.81 0.45 30.69
C TYR B 201 -13.64 0.49 31.96
N SER B 202 -14.39 1.58 32.11
CA SER B 202 -15.30 1.74 33.26
C SER B 202 -16.51 0.83 33.09
N GLN B 203 -17.25 0.57 34.17
CA GLN B 203 -18.40 -0.31 34.05
C GLN B 203 -19.46 0.32 33.13
N GLU B 204 -19.54 1.65 33.13
CA GLU B 204 -20.46 2.36 32.24
C GLU B 204 -20.07 2.14 30.78
N GLU B 205 -18.78 2.27 30.49
CA GLU B 205 -18.29 2.02 29.13
C GLU B 205 -18.54 0.57 28.69
N VAL B 206 -18.35 -0.37 29.61
CA VAL B 206 -18.58 -1.78 29.28
C VAL B 206 -20.04 -2.00 28.92
N LYS B 207 -20.95 -1.38 29.68
CA LYS B 207 -22.37 -1.49 29.40
C LYS B 207 -22.68 -0.96 28.00
N GLU B 208 -22.05 0.16 27.64
CA GLU B 208 -22.21 0.74 26.30
C GLU B 208 -21.75 -0.23 25.21
N ILE B 209 -20.60 -0.86 25.43
CA ILE B 209 -20.02 -1.80 24.47
C ILE B 209 -20.88 -3.06 24.35
N ILE B 210 -21.39 -3.58 25.47
CA ILE B 210 -22.27 -4.73 25.41
C ILE B 210 -23.51 -4.43 24.56
N GLY B 211 -24.11 -3.27 24.76
CA GLY B 211 -25.29 -2.90 23.98
C GLY B 211 -24.98 -2.75 22.51
N TYR B 212 -23.84 -2.11 22.22
CA TYR B 212 -23.37 -1.93 20.85
C TYR B 212 -23.15 -3.27 20.19
N ALA B 213 -22.50 -4.18 20.90
CA ALA B 213 -22.26 -5.52 20.36
C ALA B 213 -23.58 -6.26 20.15
N ALA B 214 -24.50 -6.14 21.09
CA ALA B 214 -25.77 -6.86 20.98
C ALA B 214 -26.54 -6.44 19.73
N ASP B 215 -26.48 -5.16 19.39
CA ASP B 215 -27.18 -4.65 18.20
C ASP B 215 -26.61 -5.24 16.93
N ARG B 216 -25.46 -5.89 17.07
CA ARG B 216 -24.66 -6.40 15.96
C ARG B 216 -24.53 -7.92 16.00
N GLY B 217 -25.25 -8.57 16.91
CA GLY B 217 -25.22 -10.03 16.96
C GLY B 217 -23.96 -10.60 17.58
N ILE B 218 -23.27 -9.77 18.36
CA ILE B 218 -22.00 -10.18 18.94
C ILE B 218 -22.12 -10.35 20.45
N THR B 219 -21.66 -11.50 20.96
CA THR B 219 -21.59 -11.74 22.41
C THR B 219 -20.17 -11.44 22.85
N VAL B 220 -20.02 -10.64 23.91
CA VAL B 220 -18.68 -10.24 24.35
C VAL B 220 -18.23 -11.20 25.45
N VAL B 221 -17.14 -11.92 25.20
CA VAL B 221 -16.63 -12.92 26.13
C VAL B 221 -15.42 -12.31 26.84
N PRO B 222 -15.57 -11.99 28.13
CA PRO B 222 -14.40 -11.38 28.79
C PRO B 222 -13.39 -12.45 29.20
N GLU B 223 -12.11 -12.10 29.22
CA GLU B 223 -11.09 -13.00 29.77
C GLU B 223 -10.44 -12.36 30.98
N ILE B 224 -10.50 -13.06 32.10
CA ILE B 224 -9.87 -12.62 33.34
C ILE B 224 -8.84 -13.67 33.66
N ASP B 225 -7.57 -13.35 33.44
CA ASP B 225 -6.50 -14.33 33.59
C ASP B 225 -6.11 -14.65 35.02
N PRO B 227 -4.11 -18.31 37.10
CA PRO B 227 -3.49 -17.56 38.21
C PRO B 227 -2.35 -16.66 37.73
N GLY B 228 -1.94 -16.79 36.47
CA GLY B 228 -0.84 -16.00 35.94
C GLY B 228 -1.31 -14.71 35.26
N HIS B 229 -0.39 -14.01 34.62
CA HIS B 229 -0.69 -12.69 34.03
C HIS B 229 -1.31 -11.77 35.09
N ALA B 230 -0.69 -11.77 36.26
CA ALA B 230 -1.26 -11.17 37.47
C ALA B 230 -0.48 -9.95 37.94
N GLU B 231 0.65 -9.66 37.31
CA GLU B 231 1.56 -8.63 37.79
C GLU B 231 0.89 -7.28 38.08
N ALA B 232 0.02 -6.84 37.16
CA ALA B 232 -0.68 -5.56 37.35
C ALA B 232 -1.61 -5.62 38.56
N ALA B 233 -2.31 -6.75 38.71
CA ALA B 233 -3.19 -6.94 39.87
C ALA B 233 -2.41 -7.04 41.17
N LEU B 234 -1.25 -7.69 41.11
CA LEU B 234 -0.39 -7.85 42.28
C LEU B 234 0.22 -6.53 42.71
N ASN B 235 0.46 -5.65 41.75
CA ASN B 235 0.86 -4.28 42.04
C ASN B 235 -0.21 -3.60 42.86
N ALA B 236 -1.45 -3.77 42.41
CA ALA B 236 -2.60 -3.16 43.06
C ALA B 236 -2.80 -3.74 44.46
N TYR B 237 -2.77 -5.07 44.55
CA TYR B 237 -3.03 -5.78 45.80
C TYR B 237 -1.98 -6.84 46.08
N PRO B 238 -0.84 -6.43 46.64
CA PRO B 238 0.29 -7.34 46.90
C PRO B 238 -0.08 -8.54 47.76
N ARG B 239 -1.09 -8.39 48.62
CA ARG B 239 -1.50 -9.48 49.52
C ARG B 239 -2.17 -10.66 48.78
N LEU B 240 -2.47 -10.46 47.51
CA LEU B 240 -2.95 -11.55 46.66
C LEU B 240 -1.81 -12.50 46.30
N GLY B 241 -0.59 -12.06 46.54
CA GLY B 241 0.58 -12.85 46.21
C GLY B 241 1.00 -13.77 47.33
N CYS B 242 2.04 -14.56 47.08
CA CYS B 242 2.50 -15.55 48.04
C CYS B 242 3.17 -14.90 49.25
N ASN B 244 3.22 -10.65 50.53
CA ASN B 244 2.90 -9.22 50.51
C ASN B 244 4.10 -8.38 50.08
N VAL B 245 4.54 -8.53 48.84
CA VAL B 245 5.65 -7.73 48.33
C VAL B 245 5.31 -7.00 47.03
N ALA B 246 6.09 -5.97 46.74
CA ALA B 246 5.96 -5.20 45.50
C ALA B 246 6.27 -6.08 44.29
N VAL B 247 5.55 -5.85 43.19
CA VAL B 247 5.73 -6.63 41.98
C VAL B 247 6.07 -5.73 40.79
N LYS B 248 7.24 -5.96 40.18
CA LYS B 248 7.68 -5.16 39.05
C LYS B 248 7.05 -5.61 37.73
N VAL B 249 6.37 -4.67 37.05
CA VAL B 249 5.69 -4.97 35.79
C VAL B 249 6.65 -5.02 34.61
N ASN B 257 5.68 -14.16 39.74
CA ASN B 257 4.69 -13.43 40.54
C ASN B 257 3.26 -13.63 40.03
N ILE B 258 2.58 -14.62 40.60
CA ILE B 258 1.20 -14.89 40.23
C ILE B 258 0.30 -14.82 41.47
N PHE B 259 -1.01 -14.83 41.26
CA PHE B 259 -1.95 -14.96 42.38
C PHE B 259 -1.58 -16.23 43.15
N CYS B 260 -1.71 -16.18 44.47
CA CYS B 260 -1.40 -17.32 45.33
C CYS B 260 -2.64 -18.18 45.59
N ALA B 261 -2.75 -19.32 44.92
CA ALA B 261 -3.92 -20.18 45.06
C ALA B 261 -3.95 -20.94 46.38
N GLY B 262 -2.89 -20.80 47.17
CA GLY B 262 -2.82 -21.44 48.47
C GLY B 262 -3.53 -20.65 49.55
N LYS B 263 -3.84 -19.38 49.26
CA LYS B 263 -4.52 -18.51 50.21
C LYS B 263 -6.00 -18.36 49.88
N ASP B 264 -6.86 -18.78 50.81
CA ASP B 264 -8.31 -18.66 50.64
C ASP B 264 -8.75 -17.23 50.31
N SER B 265 -8.05 -16.25 50.88
CA SER B 265 -8.33 -14.86 50.61
C SER B 265 -8.17 -14.50 49.13
N THR B 266 -7.24 -15.17 48.46
CA THR B 266 -7.05 -14.97 47.03
C THR B 266 -8.23 -15.54 46.24
N LEU B 267 -8.68 -16.74 46.60
CA LEU B 267 -9.86 -17.33 45.96
C LEU B 267 -11.08 -16.44 46.17
N ILE B 268 -11.27 -15.97 47.40
CA ILE B 268 -12.39 -15.10 47.71
C ILE B 268 -12.33 -13.82 46.88
N PHE B 269 -11.12 -13.25 46.76
CA PHE B 269 -10.91 -12.06 45.96
C PHE B 269 -11.33 -12.34 44.53
N LEU B 270 -10.85 -13.45 43.98
CA LEU B 270 -11.09 -13.73 42.58
C LEU B 270 -12.56 -14.07 42.32
N LYS B 271 -13.20 -14.75 43.26
CA LYS B 271 -14.65 -14.98 43.17
C LYS B 271 -15.41 -13.66 43.18
N ASN B 272 -15.02 -12.74 44.07
CA ASN B 272 -15.61 -11.39 44.07
C ASN B 272 -15.43 -10.67 42.73
N VAL B 273 -14.26 -10.80 42.12
CA VAL B 273 -14.05 -10.23 40.79
C VAL B 273 -14.99 -10.87 39.79
N LEU B 274 -15.11 -12.20 39.81
CA LEU B 274 -15.97 -12.88 38.84
C LEU B 274 -17.45 -12.55 39.04
N ASP B 275 -17.86 -12.30 40.29
CA ASP B 275 -19.24 -11.85 40.55
C ASP B 275 -19.55 -10.58 39.75
N GLU B 276 -18.64 -9.61 39.77
CA GLU B 276 -18.86 -8.37 39.03
C GLU B 276 -18.76 -8.61 37.53
N VAL B 277 -17.80 -9.44 37.13
CA VAL B 277 -17.64 -9.77 35.72
C VAL B 277 -18.91 -10.43 35.18
N CYS B 278 -19.49 -11.37 35.93
CA CYS B 278 -20.70 -12.02 35.45
C CYS B 278 -21.89 -11.07 35.43
N ARG B 279 -21.90 -10.08 36.32
CA ARG B 279 -22.98 -9.10 36.34
C ARG B 279 -22.91 -8.19 35.12
N PHE B 281 -21.09 -8.87 32.18
CA PHE B 281 -21.00 -9.59 30.91
C PHE B 281 -21.98 -10.75 30.94
N PRO B 282 -23.10 -10.63 30.20
CA PRO B 282 -24.12 -11.68 30.22
C PRO B 282 -23.73 -12.96 29.47
N SER B 283 -22.59 -12.92 28.78
CA SER B 283 -22.08 -14.08 28.02
C SER B 283 -22.15 -15.38 28.79
N ALA B 284 -22.67 -16.42 28.15
CA ALA B 284 -22.68 -17.76 28.75
C ALA B 284 -21.27 -18.29 29.00
N TYR B 285 -20.30 -17.73 28.27
CA TYR B 285 -18.90 -18.13 28.34
C TYR B 285 -18.06 -17.06 29.00
N ILE B 286 -17.23 -17.48 29.96
CA ILE B 286 -16.25 -16.59 30.56
C ILE B 286 -14.90 -17.27 30.41
N HIS B 287 -13.91 -16.54 29.91
CA HIS B 287 -12.58 -17.11 29.69
C HIS B 287 -11.72 -16.84 30.93
N LEU B 288 -11.09 -17.88 31.47
CA LEU B 288 -10.28 -17.74 32.67
C LEU B 288 -8.79 -17.92 32.40
N GLY B 289 -8.40 -17.95 31.13
CA GLY B 289 -7.01 -18.16 30.79
C GLY B 289 -6.48 -19.52 31.22
N GLY B 290 -5.60 -19.52 32.21
CA GLY B 290 -5.08 -20.77 32.73
C GLY B 290 -3.96 -21.40 31.90
N ASP B 291 -3.24 -20.60 31.13
CA ASP B 291 -2.04 -21.11 30.47
C ASP B 291 -1.00 -21.42 31.54
N GLU B 292 -0.06 -22.32 31.25
CA GLU B 292 0.90 -22.77 32.27
C GLU B 292 1.67 -21.59 32.88
N ALA B 293 1.31 -21.25 34.11
CA ALA B 293 1.96 -20.15 34.82
C ALA B 293 3.37 -20.54 35.25
N PRO B 294 4.27 -19.55 35.30
CA PRO B 294 5.63 -19.83 35.78
C PRO B 294 5.59 -20.09 37.29
N LYS B 295 6.47 -20.96 37.76
CA LYS B 295 6.50 -21.31 39.18
C LYS B 295 7.83 -20.88 39.82
N CYS B 301 7.02 -21.35 48.13
CA CYS B 301 5.88 -20.90 48.92
C CYS B 301 5.37 -22.01 49.85
N PRO B 302 4.99 -21.64 51.08
CA PRO B 302 4.34 -22.58 52.02
C PRO B 302 2.81 -22.51 51.98
N ASP B 303 2.26 -21.33 51.69
CA ASP B 303 0.82 -21.16 51.59
C ASP B 303 0.26 -22.01 50.44
N CYS B 304 0.97 -22.00 49.32
CA CYS B 304 0.63 -22.85 48.18
C CYS B 304 0.91 -24.33 48.49
N ARG B 305 2.12 -24.62 48.96
CA ARG B 305 2.53 -25.99 49.26
C ARG B 305 1.81 -26.62 50.45
N SER B 306 0.78 -25.94 50.96
CA SER B 306 -0.05 -26.46 52.04
C SER B 306 -1.38 -26.94 51.48
N ARG B 307 -1.71 -26.47 50.28
CA ARG B 307 -2.92 -26.90 49.57
C ARG B 307 -2.63 -28.20 48.85
N ILE B 308 -1.40 -28.33 48.36
CA ILE B 308 -0.94 -29.54 47.69
C ILE B 308 -0.96 -30.73 48.66
N GLU B 309 -0.86 -30.42 49.95
CA GLU B 309 -0.98 -31.44 51.00
C GLU B 309 -2.44 -31.81 51.24
N LYS B 310 -3.23 -30.84 51.70
CA LYS B 310 -4.63 -31.06 52.08
C LYS B 310 -5.52 -31.62 50.97
N GLU B 311 -5.11 -31.42 49.72
CA GLU B 311 -5.91 -31.88 48.58
C GLU B 311 -5.34 -33.13 47.88
N LYS B 312 -4.12 -33.51 48.27
CA LYS B 312 -3.41 -34.66 47.70
C LYS B 312 -3.04 -34.48 46.22
N LEU B 313 -2.37 -33.38 45.93
CA LEU B 313 -1.93 -33.05 44.58
C LEU B 313 -0.45 -33.43 44.39
N SER B 316 2.81 -28.38 41.68
CA SER B 316 2.22 -27.06 41.54
C SER B 316 1.41 -26.96 40.24
N HIS B 317 1.70 -27.85 39.30
CA HIS B 317 0.88 -27.95 38.08
C HIS B 317 -0.51 -28.43 38.45
N ASP B 318 -0.57 -29.30 39.46
CA ASP B 318 -1.83 -29.79 39.99
C ASP B 318 -2.48 -28.73 40.89
N LEU B 319 -1.66 -27.87 41.48
CA LEU B 319 -2.20 -26.74 42.23
C LEU B 319 -2.95 -25.82 41.27
N GLN B 320 -2.28 -25.46 40.18
CA GLN B 320 -2.87 -24.65 39.12
C GLN B 320 -4.17 -25.29 38.62
N LEU B 321 -4.13 -26.60 38.44
CA LEU B 321 -5.32 -27.33 38.02
C LEU B 321 -6.40 -27.34 39.10
N TRP B 322 -6.00 -27.54 40.35
CA TRP B 322 -6.94 -27.47 41.46
C TRP B 322 -7.63 -26.11 41.48
N PHE B 323 -6.82 -25.06 41.38
CA PHE B 323 -7.31 -23.69 41.36
C PHE B 323 -8.24 -23.44 40.17
N SER B 324 -7.84 -23.88 38.98
CA SER B 324 -8.68 -23.74 37.81
C SER B 324 -10.02 -24.42 38.01
N ALA B 325 -9.99 -25.60 38.62
CA ALA B 325 -11.20 -26.35 38.90
C ALA B 325 -12.15 -25.60 39.85
N ARG B 326 -11.60 -25.03 40.93
CA ARG B 326 -12.41 -24.25 41.86
C ARG B 326 -13.10 -23.05 41.18
N ALA B 328 -13.73 -22.74 37.87
CA ALA B 328 -14.69 -23.31 36.94
C ALA B 328 -15.95 -23.75 37.68
N ASP B 329 -15.76 -24.40 38.84
CA ASP B 329 -16.88 -24.80 39.68
C ASP B 329 -17.73 -23.60 40.08
N TYR B 330 -17.06 -22.49 40.37
CA TYR B 330 -17.75 -21.29 40.78
C TYR B 330 -18.57 -20.71 39.64
N LEU B 331 -17.98 -20.72 38.43
CA LEU B 331 -18.70 -20.25 37.25
C LEU B 331 -19.90 -21.17 36.96
N LYS B 332 -19.71 -22.46 37.18
CA LYS B 332 -20.78 -23.43 36.96
C LYS B 332 -21.99 -23.14 37.85
N GLN B 333 -21.76 -22.81 39.11
CA GLN B 333 -22.87 -22.50 40.00
C GLN B 333 -23.54 -21.18 39.63
N LYS B 334 -22.83 -20.35 38.88
CA LYS B 334 -23.40 -19.11 38.35
C LYS B 334 -24.03 -19.33 36.97
N GLY B 335 -24.04 -20.57 36.49
CA GLY B 335 -24.64 -20.90 35.20
C GLY B 335 -23.81 -20.55 33.97
N ARG B 336 -22.50 -20.42 34.14
CA ARG B 336 -21.63 -20.06 33.02
C ARG B 336 -20.68 -21.18 32.68
N LYS B 337 -20.16 -21.15 31.45
CA LYS B 337 -19.10 -22.05 31.03
C LYS B 337 -17.75 -21.36 31.20
N ALA B 338 -16.73 -22.13 31.52
CA ALA B 338 -15.38 -21.58 31.74
C ALA B 338 -14.47 -22.03 30.61
N ILE B 339 -13.89 -21.08 29.89
CA ILE B 339 -12.90 -21.43 28.87
C ILE B 339 -11.50 -21.32 29.45
N PHE B 340 -10.66 -22.33 29.16
CA PHE B 340 -9.26 -22.28 29.52
C PHE B 340 -8.41 -22.49 28.28
N TRP B 341 -7.22 -21.90 28.25
CA TRP B 341 -6.23 -22.25 27.23
C TRP B 341 -5.84 -23.71 27.38
N GLY B 342 -5.56 -24.38 26.25
CA GLY B 342 -5.37 -25.81 26.24
C GLY B 342 -4.18 -26.38 27.02
N ASP B 343 -3.25 -25.52 27.43
CA ASP B 343 -2.15 -25.95 28.32
C ASP B 343 -2.61 -26.84 29.46
N VAL B 344 -3.78 -26.52 30.02
CA VAL B 344 -4.27 -27.17 31.24
C VAL B 344 -4.53 -28.66 31.08
N ILE B 345 -4.63 -29.12 29.84
CA ILE B 345 -4.92 -30.53 29.63
C ILE B 345 -3.86 -31.30 28.85
N TYR B 346 -2.65 -30.74 28.76
CA TYR B 346 -1.51 -31.46 28.16
C TYR B 346 -1.26 -32.74 28.95
N LYS B 347 -1.34 -32.61 30.27
CA LYS B 347 -1.15 -33.75 31.16
C LYS B 347 -2.38 -33.92 32.02
N ASP B 348 -2.74 -35.17 32.30
CA ASP B 348 -3.87 -35.46 33.17
C ASP B 348 -3.58 -34.98 34.59
N TYR B 350 -5.83 -35.01 36.60
CA TYR B 350 -6.44 -33.71 36.84
C TYR B 350 -7.78 -33.63 36.13
N SER B 351 -8.87 -33.65 36.89
CA SER B 351 -10.18 -33.48 36.28
C SER B 351 -10.75 -32.09 36.49
N LEU B 352 -11.31 -31.56 35.40
CA LEU B 352 -11.98 -30.27 35.39
C LEU B 352 -13.47 -30.54 35.28
N PRO B 353 -14.30 -29.64 35.83
CA PRO B 353 -15.75 -29.89 35.80
C PRO B 353 -16.35 -29.78 34.41
N ASP B 354 -17.61 -30.18 34.27
CA ASP B 354 -18.22 -30.37 32.96
C ASP B 354 -18.68 -29.10 32.27
N ASN B 355 -18.45 -27.94 32.88
CA ASN B 355 -18.73 -26.67 32.21
C ASN B 355 -17.51 -26.09 31.51
N VAL B 356 -16.42 -26.86 31.48
CA VAL B 356 -15.14 -26.39 30.91
C VAL B 356 -15.06 -26.58 29.40
N VAL B 357 -14.56 -25.54 28.72
CA VAL B 357 -14.29 -25.56 27.28
C VAL B 357 -12.79 -25.31 27.12
N ILE B 358 -12.15 -25.99 26.17
CA ILE B 358 -10.71 -25.87 25.97
C ILE B 358 -10.43 -25.06 24.71
N GLN B 359 -9.63 -24.00 24.82
CA GLN B 359 -9.22 -23.25 23.63
C GLN B 359 -7.84 -23.73 23.20
N TRP B 360 -7.82 -24.51 22.13
CA TRP B 360 -6.62 -25.13 21.59
C TRP B 360 -5.82 -24.07 20.84
N TRP B 361 -4.57 -23.83 21.24
CA TRP B 361 -3.80 -22.72 20.64
C TRP B 361 -2.36 -23.01 20.22
N ASN B 362 -1.65 -23.85 20.95
CA ASN B 362 -0.21 -24.00 20.66
C ASN B 362 0.13 -25.13 19.69
N TRP B 363 -0.23 -24.95 18.42
CA TRP B 363 0.05 -25.96 17.41
C TRP B 363 1.53 -25.97 17.08
N ARG B 364 2.12 -24.78 17.04
CA ARG B 364 3.55 -24.67 16.73
C ARG B 364 4.36 -25.52 17.69
N GLY B 365 3.96 -25.53 18.96
CA GLY B 365 4.71 -26.23 19.98
C GLY B 365 4.29 -27.66 20.23
N HIS B 366 3.00 -27.94 20.07
CA HIS B 366 2.46 -29.23 20.48
C HIS B 366 1.46 -29.81 19.50
N ARG B 367 1.38 -29.23 18.30
CA ARG B 367 0.46 -29.70 17.28
C ARG B 367 -0.96 -29.82 17.83
N ASP B 368 -1.60 -30.97 17.61
CA ASP B 368 -3.01 -31.15 17.99
C ASP B 368 -3.18 -31.83 19.35
N LEU B 369 -2.15 -31.79 20.19
CA LEU B 369 -2.20 -32.41 21.52
C LEU B 369 -3.43 -32.02 22.36
N ALA B 370 -3.67 -30.72 22.49
CA ALA B 370 -4.77 -30.25 23.31
C ALA B 370 -6.13 -30.66 22.75
N LEU B 371 -6.28 -30.65 21.43
CA LEU B 371 -7.52 -31.11 20.82
C LEU B 371 -7.76 -32.58 21.12
N LYS B 372 -6.74 -33.41 20.90
CA LYS B 372 -6.89 -34.85 21.11
C LYS B 372 -7.19 -35.20 22.56
N ASN B 373 -6.53 -34.50 23.49
CA ASN B 373 -6.75 -34.74 24.92
C ASN B 373 -8.10 -34.22 25.41
N ALA B 374 -8.50 -33.06 24.92
CA ALA B 374 -9.82 -32.52 25.26
C ALA B 374 -10.93 -33.49 24.80
N VAL B 375 -10.86 -33.89 23.54
CA VAL B 375 -11.85 -34.80 22.96
C VAL B 375 -11.97 -36.10 23.75
N ARG B 376 -10.82 -36.67 24.09
CA ARG B 376 -10.77 -37.93 24.82
CA ARG B 376 -10.79 -37.94 24.81
C ARG B 376 -11.46 -37.80 26.18
N HIS B 377 -11.38 -36.62 26.76
CA HIS B 377 -11.97 -36.38 28.08
C HIS B 377 -13.31 -35.64 28.00
N ASN B 378 -13.86 -35.55 26.80
CA ASN B 378 -15.20 -35.01 26.57
C ASN B 378 -15.36 -33.50 26.85
N TYR B 379 -14.29 -32.73 26.67
CA TYR B 379 -14.36 -31.28 26.78
C TYR B 379 -14.57 -30.68 25.40
N PRO B 380 -15.54 -29.77 25.27
CA PRO B 380 -15.68 -29.06 23.99
C PRO B 380 -14.42 -28.24 23.72
N VAL B 381 -14.17 -27.94 22.45
CA VAL B 381 -12.92 -27.33 22.01
C VAL B 381 -13.17 -26.16 21.07
N ILE B 382 -12.47 -25.05 21.29
CA ILE B 382 -12.44 -23.95 20.33
C ILE B 382 -11.09 -24.02 19.62
N CYS B 383 -11.10 -24.02 18.30
CA CYS B 383 -9.85 -24.14 17.54
C CYS B 383 -9.27 -22.77 17.28
N GLY B 384 -8.21 -22.41 18.00
CA GLY B 384 -7.61 -21.11 17.86
C GLY B 384 -6.10 -21.18 17.82
N THR B 385 -5.61 -21.99 16.89
CA THR B 385 -4.19 -22.33 16.88
C THR B 385 -3.33 -21.18 16.39
N ASN B 386 -2.16 -21.01 16.97
CA ASN B 386 -1.28 -19.90 16.59
C ASN B 386 -0.96 -19.92 15.10
N TYR B 387 -0.50 -21.06 14.59
CA TYR B 387 -0.58 -21.31 13.16
C TYR B 387 -2.03 -21.77 12.94
N TYR B 388 -2.86 -21.05 12.18
CA TYR B 388 -2.55 -19.76 11.56
C TYR B 388 -3.70 -18.80 11.86
N THR B 389 -4.08 -18.70 13.13
CA THR B 389 -5.14 -17.78 13.55
C THR B 389 -4.61 -16.59 14.34
N TYR B 390 -3.31 -16.58 14.65
CA TYR B 390 -2.74 -15.48 15.41
C TYR B 390 -2.28 -14.38 14.45
N LEU B 391 -3.16 -13.40 14.23
CA LEU B 391 -2.94 -12.35 13.23
C LEU B 391 -1.85 -11.36 13.65
N ASN B 392 -1.46 -11.41 14.92
CA ASN B 392 -0.28 -10.67 15.34
C ASN B 392 1.01 -11.18 14.70
N PHE B 393 1.02 -12.42 14.22
CA PHE B 393 2.21 -12.90 13.50
C PHE B 393 2.24 -12.14 12.19
N PRO B 394 3.30 -11.37 11.94
CA PRO B 394 3.39 -10.61 10.68
C PRO B 394 3.77 -11.53 9.52
N LEU B 395 3.80 -11.00 8.30
CA LEU B 395 4.21 -11.81 7.14
C LEU B 395 5.72 -11.94 7.01
N THR B 396 6.45 -10.99 7.60
CA THR B 396 7.91 -10.98 7.58
C THR B 396 8.37 -10.61 8.99
N PRO B 397 9.60 -10.99 9.38
CA PRO B 397 10.02 -10.80 10.77
C PRO B 397 9.92 -9.36 11.27
N TRP B 398 9.55 -9.20 12.53
CA TRP B 398 9.43 -7.89 13.15
C TRP B 398 9.58 -8.05 14.66
N LYS B 399 10.55 -7.34 15.24
CA LYS B 399 10.85 -7.44 16.67
C LYS B 399 10.96 -8.86 17.22
N GLY B 400 10.06 -9.21 18.13
CA GLY B 400 10.11 -10.52 18.76
C GLY B 400 9.63 -11.66 17.86
N TYR B 401 9.02 -11.31 16.75
CA TYR B 401 8.52 -12.32 15.82
C TYR B 401 9.60 -12.67 14.80
N THR B 402 10.17 -13.86 14.95
CA THR B 402 11.17 -14.33 13.99
C THR B 402 10.42 -14.96 12.82
N GLN B 403 11.15 -15.51 11.86
CA GLN B 403 10.53 -16.19 10.73
C GLN B 403 9.58 -17.30 11.19
N ALA B 404 9.90 -17.90 12.32
CA ALA B 404 9.10 -18.98 12.90
C ALA B 404 7.67 -18.55 13.23
N ARG B 405 7.49 -17.28 13.56
CA ARG B 405 6.17 -16.78 13.87
C ARG B 405 5.71 -15.77 12.83
N THR B 406 5.67 -16.22 11.58
CA THR B 406 5.12 -15.46 10.47
C THR B 406 4.26 -16.38 9.61
N PHE B 407 3.28 -15.82 8.93
CA PHE B 407 2.55 -16.59 7.90
C PHE B 407 1.78 -15.65 7.00
N ASP B 408 1.37 -16.11 5.82
CA ASP B 408 0.62 -15.24 4.91
C ASP B 408 -0.75 -15.82 4.54
N LEU B 409 -1.39 -15.23 3.55
CA LEU B 409 -2.77 -15.61 3.22
C LEU B 409 -2.86 -17.05 2.70
N GLU B 410 -1.83 -17.51 1.98
CA GLU B 410 -1.83 -18.88 1.48
CA GLU B 410 -1.79 -18.87 1.47
C GLU B 410 -1.76 -19.87 2.62
N ASP B 411 -0.91 -19.58 3.62
CA ASP B 411 -0.78 -20.47 4.76
C ASP B 411 -2.11 -20.60 5.47
N VAL B 412 -2.73 -19.46 5.78
CA VAL B 412 -3.98 -19.55 6.54
C VAL B 412 -5.10 -20.19 5.72
N TYR B 413 -5.19 -19.86 4.43
CA TYR B 413 -6.29 -20.42 3.65
C TYR B 413 -6.12 -21.93 3.40
N LEU B 414 -4.91 -22.35 3.04
CA LEU B 414 -4.71 -23.73 2.61
C LEU B 414 -4.35 -24.72 3.72
N ARG B 415 -3.72 -24.25 4.79
CA ARG B 415 -3.12 -25.19 5.77
C ARG B 415 -3.36 -24.84 7.23
N ASN B 416 -4.50 -24.22 7.51
CA ASN B 416 -4.83 -23.84 8.88
C ASN B 416 -5.27 -25.04 9.70
N PRO B 417 -4.53 -25.38 10.78
CA PRO B 417 -4.94 -26.53 11.60
C PRO B 417 -6.33 -26.34 12.19
N SER B 418 -6.74 -25.10 12.37
CA SER B 418 -8.03 -24.81 13.01
C SER B 418 -9.22 -24.97 12.07
N TYR B 419 -8.94 -25.07 10.77
CA TYR B 419 -9.99 -25.30 9.79
C TYR B 419 -10.08 -26.78 9.50
N ARG B 420 -11.15 -27.40 9.99
CA ARG B 420 -11.31 -28.84 9.86
C ARG B 420 -12.68 -29.10 9.25
N PRO B 421 -12.79 -28.91 7.92
CA PRO B 421 -14.11 -28.96 7.28
C PRO B 421 -14.72 -30.35 7.28
N ARG B 422 -13.90 -31.39 7.47
CA ARG B 422 -14.43 -32.74 7.46
C ARG B 422 -14.69 -33.28 8.88
N GLU B 423 -14.58 -32.38 9.88
CA GLU B 423 -14.86 -32.72 11.28
C GLU B 423 -16.27 -33.24 11.52
N GLU B 424 -16.37 -34.34 12.25
CA GLU B 424 -17.67 -34.94 12.59
C GLU B 424 -17.95 -34.95 14.10
N ASN B 425 -16.95 -34.63 14.91
CA ASN B 425 -17.15 -34.65 16.36
C ASN B 425 -17.78 -33.35 16.84
N PRO B 426 -18.98 -33.44 17.46
CA PRO B 426 -19.70 -32.25 17.91
C PRO B 426 -18.98 -31.50 19.04
N LEU B 427 -17.98 -32.12 19.67
CA LEU B 427 -17.19 -31.42 20.68
C LEU B 427 -16.43 -30.23 20.10
N ILE B 428 -16.15 -30.26 18.80
CA ILE B 428 -15.47 -29.12 18.17
C ILE B 428 -16.51 -28.00 17.94
N LEU B 429 -16.40 -26.90 18.68
CA LEU B 429 -17.42 -25.84 18.66
C LEU B 429 -17.25 -24.88 17.48
N GLY B 430 -16.00 -24.63 17.11
CA GLY B 430 -15.75 -23.69 16.03
C GLY B 430 -14.34 -23.17 16.10
N SER B 432 -11.45 -19.67 16.41
CA SER B 432 -11.18 -18.31 16.85
C SER B 432 -10.08 -17.66 16.02
N SER B 433 -10.03 -16.33 16.08
CA SER B 433 -8.94 -15.56 15.47
C SER B 433 -8.50 -14.56 16.54
N ALA B 434 -7.23 -14.15 16.52
CA ALA B 434 -6.70 -13.36 17.61
C ALA B 434 -5.74 -12.30 17.14
N LEU B 435 -5.74 -11.17 17.84
CA LEU B 435 -4.75 -10.13 17.60
C LEU B 435 -4.13 -9.79 18.95
N TRP B 436 -2.98 -10.38 19.24
CA TRP B 436 -2.23 -10.08 20.47
C TRP B 436 -1.40 -8.84 20.23
N THR B 437 -1.26 -7.99 21.25
CA THR B 437 -0.60 -6.70 21.04
C THR B 437 0.80 -6.61 21.64
N ASP B 438 1.43 -7.77 21.84
CA ASP B 438 2.84 -7.86 22.26
C ASP B 438 3.72 -6.95 21.40
N ASP B 439 4.79 -6.43 22.00
CA ASP B 439 5.81 -5.64 21.28
C ASP B 439 5.30 -4.26 20.84
N GLY B 440 4.29 -3.75 21.56
CA GLY B 440 3.82 -2.38 21.37
C GLY B 440 3.00 -2.13 20.13
N VAL B 441 2.06 -3.03 19.83
CA VAL B 441 1.17 -2.85 18.70
C VAL B 441 0.10 -1.82 19.07
N THR B 442 0.26 -0.59 18.57
CA THR B 442 -0.67 0.50 18.86
C THR B 442 -1.88 0.42 17.93
N GLU B 443 -2.86 1.30 18.13
CA GLU B 443 -4.12 1.21 17.37
C GLU B 443 -3.86 1.34 15.87
N SER B 444 -2.89 2.17 15.51
CA SER B 444 -2.61 2.43 14.09
C SER B 444 -1.94 1.25 13.38
N ILE B 446 -2.91 -2.08 13.94
CA ILE B 446 -3.75 -3.26 13.99
C ILE B 446 -4.23 -3.75 12.62
N ASP B 447 -4.77 -2.84 11.81
CA ASP B 447 -5.42 -3.26 10.55
C ASP B 447 -4.47 -4.00 9.59
N ARG B 448 -3.23 -3.53 9.50
CA ARG B 448 -2.29 -4.12 8.55
C ARG B 448 -1.94 -5.57 8.89
N ARG B 449 -2.18 -5.96 10.15
CA ARG B 449 -2.02 -7.35 10.58
C ARG B 449 -3.30 -8.13 10.39
N VAL B 450 -4.43 -7.48 10.62
CA VAL B 450 -5.70 -8.17 10.61
C VAL B 450 -6.19 -8.49 9.19
N PHE B 451 -6.10 -7.51 8.29
CA PHE B 451 -6.52 -7.71 6.90
C PHE B 451 -5.32 -7.89 6.00
N PRO B 452 -5.43 -8.78 4.99
CA PRO B 452 -6.59 -9.56 4.59
C PRO B 452 -6.72 -10.94 5.24
N ARG B 453 -5.79 -11.35 6.11
CA ARG B 453 -5.83 -12.74 6.57
C ARG B 453 -7.10 -13.12 7.34
N ILE B 454 -7.72 -12.16 8.00
CA ILE B 454 -8.96 -12.46 8.73
C ILE B 454 -10.08 -12.89 7.78
N LEU B 455 -9.98 -12.50 6.50
CA LEU B 455 -11.00 -12.92 5.53
C LEU B 455 -10.94 -14.42 5.29
N ALA B 456 -9.74 -14.99 5.34
CA ALA B 456 -9.62 -16.44 5.20
C ALA B 456 -10.23 -17.11 6.42
N LEU B 457 -9.95 -16.57 7.60
CA LEU B 457 -10.51 -17.12 8.83
C LEU B 457 -12.03 -17.03 8.84
N ALA B 458 -12.59 -15.89 8.44
CA ALA B 458 -14.05 -15.73 8.40
C ALA B 458 -14.69 -16.69 7.40
N GLU B 459 -14.01 -16.89 6.27
CA GLU B 459 -14.51 -17.83 5.25
C GLU B 459 -14.57 -19.24 5.81
N GLN B 460 -13.52 -19.64 6.53
CA GLN B 460 -13.44 -20.95 7.14
C GLN B 460 -14.49 -21.15 8.25
N TRP B 462 -17.46 -19.48 8.47
CA TRP B 462 -18.85 -19.35 8.02
C TRP B 462 -19.26 -20.30 6.89
N HIS B 463 -18.45 -20.34 5.84
CA HIS B 463 -18.89 -20.99 4.61
C HIS B 463 -18.91 -22.52 4.67
N SER B 464 -20.04 -23.12 4.33
CA SER B 464 -20.08 -24.57 4.17
C SER B 464 -20.28 -24.90 2.70
N GLY B 465 -19.57 -25.91 2.21
CA GLY B 465 -19.71 -26.31 0.83
C GLY B 465 -18.46 -26.97 0.28
N ASN B 466 -18.47 -27.22 -1.03
CA ASN B 466 -17.36 -27.86 -1.72
C ASN B 466 -16.06 -27.08 -1.56
N PRO B 467 -14.92 -27.79 -1.64
CA PRO B 467 -13.63 -27.11 -1.47
C PRO B 467 -13.42 -26.11 -2.60
N GLU B 468 -12.86 -24.96 -2.25
CA GLU B 468 -12.55 -23.93 -3.24
C GLU B 468 -11.04 -23.72 -3.29
N ASN B 469 -10.45 -23.64 -4.48
CA ASN B 469 -9.00 -23.49 -4.50
C ASN B 469 -8.54 -22.10 -4.08
N PHE B 470 -7.24 -21.97 -3.79
CA PHE B 470 -6.74 -20.71 -3.27
C PHE B 470 -6.89 -19.60 -4.30
N ASP B 471 -6.69 -19.93 -5.56
CA ASP B 471 -6.82 -18.93 -6.63
C ASP B 471 -8.21 -18.26 -6.64
N GLU B 472 -9.24 -19.08 -6.50
CA GLU B 472 -10.61 -18.59 -6.47
C GLU B 472 -10.87 -17.71 -5.25
N PHE B 473 -10.42 -18.18 -4.09
CA PHE B 473 -10.58 -17.41 -2.86
C PHE B 473 -9.84 -16.09 -2.93
N TYR B 474 -8.59 -16.14 -3.39
CA TYR B 474 -7.78 -14.92 -3.48
C TYR B 474 -8.43 -13.91 -4.42
N GLY B 475 -8.99 -14.40 -5.53
CA GLY B 475 -9.71 -13.52 -6.44
C GLY B 475 -10.87 -12.81 -5.77
N LYS B 476 -11.57 -13.50 -4.89
CA LYS B 476 -12.65 -12.88 -4.13
C LYS B 476 -12.12 -11.77 -3.23
N VAL B 477 -11.03 -12.05 -2.52
CA VAL B 477 -10.44 -11.06 -1.63
C VAL B 477 -10.11 -9.79 -2.42
N LEU B 478 -9.44 -9.98 -3.56
CA LEU B 478 -9.06 -8.82 -4.37
C LEU B 478 -10.26 -8.04 -4.88
N SER B 479 -11.35 -8.74 -5.17
CA SER B 479 -12.54 -8.12 -5.77
CA SER B 479 -12.51 -8.08 -5.79
C SER B 479 -13.34 -7.32 -4.76
N LYS B 480 -13.26 -7.72 -3.50
CA LYS B 480 -14.01 -7.07 -2.41
C LYS B 480 -13.14 -6.11 -1.59
N GLN B 481 -11.83 -6.10 -1.84
CA GLN B 481 -10.89 -5.31 -1.04
C GLN B 481 -11.26 -3.84 -0.90
N LEU B 482 -11.54 -3.16 -2.01
CA LEU B 482 -11.84 -1.73 -1.93
C LEU B 482 -13.12 -1.47 -1.13
N TRP B 483 -14.12 -2.34 -1.27
CA TRP B 483 -15.32 -2.21 -0.42
C TRP B 483 -14.98 -2.28 1.07
N PHE B 484 -14.16 -3.25 1.44
CA PHE B 484 -13.73 -3.34 2.83
C PHE B 484 -12.96 -2.11 3.26
N GLU B 485 -12.05 -1.63 2.42
CA GLU B 485 -11.31 -0.42 2.76
C GLU B 485 -12.24 0.77 2.98
N GLN B 486 -13.29 0.86 2.19
CA GLN B 486 -14.26 1.96 2.34
C GLN B 486 -15.05 1.88 3.64
N GLN B 487 -15.04 0.72 4.30
CA GLN B 487 -15.70 0.57 5.60
C GLN B 487 -14.77 0.97 6.74
N GLY B 488 -13.52 1.31 6.41
CA GLY B 488 -12.59 1.83 7.40
C GLY B 488 -11.45 0.88 7.74
N TYR B 489 -11.34 -0.20 7.00
CA TYR B 489 -10.34 -1.24 7.29
C TYR B 489 -9.17 -1.21 6.31
N SER B 490 -8.01 -0.78 6.78
CA SER B 490 -6.80 -0.80 5.95
C SER B 490 -6.32 -2.24 5.76
N PHE B 491 -5.72 -2.53 4.61
CA PHE B 491 -5.20 -3.86 4.33
C PHE B 491 -3.67 -3.90 4.42
N GLY B 492 -3.13 -4.94 5.05
CA GLY B 492 -1.70 -5.18 4.97
C GLY B 492 -1.41 -6.04 3.75
N PRO B 493 -0.17 -6.49 3.61
CA PRO B 493 0.21 -7.36 2.49
C PRO B 493 -0.49 -8.71 2.60
N ALA B 494 -0.81 -9.31 1.45
CA ALA B 494 -1.53 -10.58 1.45
C ALA B 494 -0.55 -11.74 1.40
N LEU B 495 0.44 -11.61 0.55
CA LEU B 495 1.40 -12.68 0.30
C LEU B 495 2.79 -12.25 0.75
N LYS B 496 3.58 -13.22 1.19
CA LYS B 496 4.91 -12.94 1.74
C LYS B 496 5.73 -12.11 0.75
N GLU B 497 5.59 -12.43 -0.54
CA GLU B 497 6.31 -11.72 -1.59
C GLU B 497 5.91 -10.24 -1.70
N ASP B 498 4.66 -9.95 -1.37
CA ASP B 498 4.13 -8.58 -1.41
C ASP B 498 4.75 -7.68 -0.35
N ALA B 499 5.24 -8.29 0.73
CA ALA B 499 5.82 -7.54 1.84
C ALA B 499 7.28 -7.16 1.60
N GLY B 500 7.99 -7.95 0.81
CA GLY B 500 9.40 -7.66 0.51
C GLY B 500 10.33 -7.88 1.70
N THR B 501 11.42 -7.09 1.74
CA THR B 501 12.42 -7.25 2.79
C THR B 501 12.40 -6.12 3.81
N ASN B 502 11.57 -5.12 3.56
CA ASN B 502 11.60 -3.88 4.34
C ASN B 502 10.23 -3.37 4.77
N TYR B 503 9.21 -4.21 4.73
CA TYR B 503 7.85 -3.74 5.00
C TYR B 503 7.76 -3.11 6.37
N LYS B 504 7.02 -2.00 6.47
CA LYS B 504 6.93 -1.25 7.71
C LYS B 504 5.78 -1.78 8.59
N TRP B 505 6.12 -2.52 9.64
CA TRP B 505 5.11 -3.11 10.52
C TRP B 505 4.73 -2.20 11.67
N ASP B 506 5.50 -1.13 11.87
CA ASP B 506 5.20 -0.17 12.94
C ASP B 506 4.99 1.24 12.40
#